data_5XTV
#
_entry.id   5XTV
#
_cell.length_a   101.023
_cell.length_b   184.583
_cell.length_c   99.136
_cell.angle_alpha   90.00
_cell.angle_beta   90.00
_cell.angle_gamma   90.00
#
_symmetry.space_group_name_H-M   'C 2 2 21'
#
loop_
_entity.id
_entity.type
_entity.pdbx_description
1 polymer Transketolase
2 non-polymer 'CALCIUM ION'
3 non-polymer DI(HYDROXYETHYL)ETHER
4 non-polymer '2-[(5S)-3-[(4-azanyl-2-methyl-pyrimidin-5-yl)methyl]-4-methylidene-1,3-thiazolidin-5-yl]ethyl phosphono hydrogen phosphate'
5 water water
#
_entity_poly.entity_id   1
_entity_poly.type   'polypeptide(L)'
_entity_poly.pdbx_seq_one_letter_code
;MGSSHHHHHHSSGLVPRGSHMSSVDQKAISTIRLLAVDAVAAANSGHPGAPLGLAPAAHAVFKKMRFNPKDTKWINRDRF
VLSNGHACALLYSMLVLYGYDLTVEDLKKFRQLGSKTPGHPENTDVPGAEVTTGPLGQGICNGVGIALAQAQFAATYNKP
DFPISDSYTYVFLGDGCLMEGVSSEASSLAGHLQLGNLIAFWDDNKISIDGSTEVAFTEDVIARYKSYGWHIVEVSDADT
DITAIAAAIDEAKKVTNKPTLVRLTTTIGFGSLAQGTHGVHGAPLKADDIKQLKTKWGFNPEESFAVPAEVTASYNEHVA
ENQKIQQQWNELFAAYKQKYPELGAELQRRLDGKLPENWDKALPVYTPADAAVATRKLSEIVLSKIIPEVPEIIGGSADL
TPSNLTKAKGTVDFQPAATGLGDYSGRYIRYGVREHAMGAIMNGIAAFGANYKNYGGTFLNFVSYAAGAVRLSALSEFPI
TWVATHDSIGLGEDGPTHQPIETLAHFRATPNISVWRPADGNETSAAYKSAIESTHTPHILALTRQNLPQLEGSSIEKAS
KGGYTLVQQDKADIIIVATGSEVSLAVDALKVLEGQGIKAGVVSLPDQLTFDKQSEEYKLSVLPDGVPILSVEVMSTFGW
SKYSHQQFGLNRFGASGKAPEIFKLFEFTPEGVAERAAKTVAFYKGKDVVSPLRSAF
;
_entity_poly.pdbx_strand_id   A
#
loop_
_chem_comp.id
_chem_comp.type
_chem_comp.name
_chem_comp.formula
8EF non-polymer '2-[(5S)-3-[(4-azanyl-2-methyl-pyrimidin-5-yl)methyl]-4-methylidene-1,3-thiazolidin-5-yl]ethyl phosphono hydrogen phosphate' 'C12 H20 N4 O7 P2 S'
CA non-polymer 'CALCIUM ION' 'Ca 2'
PEG non-polymer DI(HYDROXYETHYL)ETHER 'C4 H10 O3'
#
# COMPACT_ATOMS: atom_id res chain seq x y z
N SER A 23 -23.25 14.09 31.98
CA SER A 23 -22.19 15.05 31.68
C SER A 23 -22.10 15.28 30.18
N VAL A 24 -21.33 16.28 29.75
CA VAL A 24 -21.16 16.50 28.32
C VAL A 24 -20.41 15.32 27.68
N ASP A 25 -19.44 14.74 28.39
CA ASP A 25 -18.74 13.57 27.85
C ASP A 25 -19.70 12.40 27.64
N GLN A 26 -20.59 12.17 28.62
CA GLN A 26 -21.58 11.11 28.46
C GLN A 26 -22.49 11.40 27.27
N LYS A 27 -22.91 12.66 27.13
CA LYS A 27 -23.74 13.05 26.01
C LYS A 27 -23.01 12.86 24.68
N ALA A 28 -21.72 13.17 24.64
CA ALA A 28 -20.95 12.98 23.41
C ALA A 28 -20.90 11.50 23.03
N ILE A 29 -20.62 10.63 24.01
CA ILE A 29 -20.57 9.19 23.74
C ILE A 29 -21.91 8.70 23.20
N SER A 30 -23.02 9.12 23.82
CA SER A 30 -24.33 8.75 23.32
C SER A 30 -24.58 9.26 21.92
N THR A 31 -24.13 10.50 21.64
CA THR A 31 -24.30 11.08 20.32
C THR A 31 -23.59 10.24 19.27
N ILE A 32 -22.33 9.86 19.55
CA ILE A 32 -21.54 9.02 18.64
C ILE A 32 -22.27 7.70 18.38
N ARG A 33 -22.69 7.04 19.46
CA ARG A 33 -23.38 5.78 19.34
C ARG A 33 -24.61 5.88 18.45
N LEU A 34 -25.42 6.91 18.69
CA LEU A 34 -26.69 7.06 18.01
C LEU A 34 -26.51 7.53 16.57
N LEU A 35 -25.50 8.37 16.29
CA LEU A 35 -25.21 8.70 14.90
C LEU A 35 -24.85 7.44 14.13
N ALA A 36 -24.04 6.58 14.73
CA ALA A 36 -23.62 5.36 14.02
C ALA A 36 -24.81 4.45 13.77
N VAL A 37 -25.66 4.25 14.78
CA VAL A 37 -26.82 3.38 14.62
C VAL A 37 -27.80 3.96 13.61
N ASP A 38 -28.00 5.28 13.64
CA ASP A 38 -28.91 5.92 12.71
C ASP A 38 -28.38 5.85 11.28
N ALA A 39 -27.06 5.92 11.08
CA ALA A 39 -26.49 5.78 9.75
C ALA A 39 -26.74 4.38 9.19
N VAL A 40 -26.48 3.36 10.02
CA VAL A 40 -26.77 1.98 9.63
C VAL A 40 -28.26 1.81 9.32
N ALA A 41 -29.12 2.42 10.14
CA ALA A 41 -30.55 2.30 9.94
C ALA A 41 -30.98 2.90 8.62
N ALA A 42 -30.45 4.08 8.28
CA ALA A 42 -30.83 4.76 7.05
C ALA A 42 -30.40 3.95 5.83
N ALA A 43 -29.24 3.33 5.88
CA ALA A 43 -28.76 2.50 4.78
C ALA A 43 -29.46 1.16 4.73
N ASN A 44 -30.04 0.74 5.85
CA ASN A 44 -30.49 -0.63 6.05
C ASN A 44 -29.38 -1.61 5.72
N SER A 45 -28.16 -1.25 6.12
CA SER A 45 -26.96 -2.02 5.82
C SER A 45 -25.85 -1.52 6.73
N GLY A 46 -25.00 -2.44 7.16
CA GLY A 46 -23.80 -2.08 7.91
C GLY A 46 -23.79 -2.65 9.31
N HIS A 47 -22.85 -2.11 10.11
CA HIS A 47 -22.33 -2.78 11.28
C HIS A 47 -22.48 -1.89 12.49
N PRO A 48 -23.50 -2.12 13.34
CA PRO A 48 -23.71 -1.25 14.51
C PRO A 48 -22.96 -1.72 15.76
N GLY A 49 -22.55 -2.98 15.82
CA GLY A 49 -22.08 -3.56 17.06
C GLY A 49 -20.79 -2.95 17.59
N ALA A 50 -19.75 -2.98 16.78
CA ALA A 50 -18.48 -2.42 17.22
C ALA A 50 -18.54 -0.92 17.42
N PRO A 51 -19.27 -0.15 16.61
CA PRO A 51 -19.43 1.28 16.95
C PRO A 51 -20.02 1.52 18.32
N LEU A 52 -21.07 0.75 18.68
CA LEU A 52 -21.65 0.89 20.01
C LEU A 52 -20.65 0.59 21.10
N GLY A 53 -19.86 -0.49 20.91
CA GLY A 53 -18.91 -0.89 21.92
C GLY A 53 -17.70 0.02 22.04
N LEU A 54 -17.29 0.65 20.94
CA LEU A 54 -16.05 1.43 20.91
C LEU A 54 -16.27 2.93 21.02
N ALA A 55 -17.50 3.41 21.12
CA ALA A 55 -17.71 4.85 21.22
C ALA A 55 -17.01 5.48 22.41
N PRO A 56 -17.02 4.89 23.62
CA PRO A 56 -16.27 5.52 24.73
C PRO A 56 -14.80 5.67 24.42
N ALA A 57 -14.19 4.60 23.88
CA ALA A 57 -12.78 4.66 23.54
C ALA A 57 -12.52 5.68 22.43
N ALA A 58 -13.37 5.74 21.42
CA ALA A 58 -13.18 6.72 20.35
C ALA A 58 -13.22 8.13 20.91
N HIS A 59 -14.22 8.41 21.77
CA HIS A 59 -14.30 9.72 22.41
C HIS A 59 -13.00 10.03 23.14
N ALA A 60 -12.53 9.09 23.96
CA ALA A 60 -11.35 9.33 24.78
C ALA A 60 -10.11 9.54 23.94
N VAL A 61 -9.92 8.71 22.90
CA VAL A 61 -8.73 8.80 22.06
C VAL A 61 -8.73 10.11 21.29
N PHE A 62 -9.86 10.47 20.66
CA PHE A 62 -9.87 11.71 19.89
C PHE A 62 -9.63 12.93 20.77
N LYS A 63 -10.08 12.90 22.04
N LYS A 63 -10.08 12.89 22.04
CA LYS A 63 -9.77 14.02 22.94
CA LYS A 63 -9.79 13.98 22.96
C LYS A 63 -8.29 14.11 23.28
C LYS A 63 -8.29 14.11 23.23
N LYS A 64 -7.53 13.03 23.18
CA LYS A 64 -6.09 13.05 23.39
C LYS A 64 -5.33 13.40 22.11
N MET A 65 -5.93 13.21 20.94
CA MET A 65 -5.25 13.41 19.68
C MET A 65 -5.15 14.88 19.30
N ARG A 66 -4.04 15.19 18.62
CA ARG A 66 -3.81 16.48 17.99
C ARG A 66 -4.05 16.34 16.49
N PHE A 67 -4.98 17.14 15.98
CA PHE A 67 -5.38 17.09 14.57
C PHE A 67 -6.09 18.38 14.23
N ASN A 68 -6.12 18.70 12.94
CA ASN A 68 -6.85 19.86 12.45
C ASN A 68 -7.85 19.39 11.40
N PRO A 69 -9.15 19.42 11.67
CA PRO A 69 -10.14 19.02 10.66
C PRO A 69 -10.08 19.84 9.39
N LYS A 70 -9.52 21.05 9.47
CA LYS A 70 -9.36 21.94 8.33
C LYS A 70 -7.99 21.79 7.66
N ASP A 71 -7.10 20.92 8.17
CA ASP A 71 -5.83 20.64 7.51
C ASP A 71 -5.47 19.19 7.83
N THR A 72 -6.03 18.31 7.00
CA THR A 72 -5.88 16.88 7.20
C THR A 72 -4.47 16.40 6.93
N LYS A 73 -3.60 17.25 6.37
CA LYS A 73 -2.25 16.85 6.01
C LYS A 73 -1.18 17.44 6.92
N TRP A 74 -1.55 18.10 8.02
CA TRP A 74 -0.56 18.62 8.96
C TRP A 74 0.41 17.50 9.35
N ILE A 75 1.71 17.68 9.11
CA ILE A 75 2.60 16.53 9.18
C ILE A 75 2.85 16.05 10.60
N ASN A 76 2.61 16.90 11.60
CA ASN A 76 2.78 16.54 12.98
C ASN A 76 1.47 16.17 13.68
N ARG A 77 0.41 15.90 12.92
CA ARG A 77 -0.82 15.39 13.53
C ARG A 77 -0.58 14.01 14.13
N ASP A 78 -1.34 13.69 15.18
CA ASP A 78 -1.51 12.29 15.54
C ASP A 78 -2.34 11.62 14.44
N ARG A 79 -2.04 10.34 14.15
CA ARG A 79 -2.84 9.57 13.20
C ARG A 79 -3.72 8.57 13.93
N PHE A 80 -4.92 8.36 13.40
CA PHE A 80 -5.85 7.33 13.84
C PHE A 80 -6.11 6.38 12.70
N VAL A 81 -6.12 5.08 13.00
CA VAL A 81 -6.45 4.05 12.03
C VAL A 81 -7.50 3.11 12.61
N LEU A 82 -8.59 2.94 11.88
CA LEU A 82 -9.65 1.98 12.22
C LEU A 82 -9.37 0.67 11.46
N SER A 83 -8.63 -0.26 12.10
CA SER A 83 -8.30 -1.52 11.43
C SER A 83 -9.53 -2.41 11.24
N ASN A 84 -10.44 -2.37 12.22
CA ASN A 84 -11.73 -3.06 12.11
C ASN A 84 -12.67 -2.17 11.30
N GLY A 85 -12.39 -2.09 9.99
CA GLY A 85 -12.97 -1.06 9.14
C GLY A 85 -14.47 -1.17 8.95
N HIS A 86 -15.04 -2.35 9.18
CA HIS A 86 -16.49 -2.50 9.15
C HIS A 86 -17.16 -1.60 10.17
N ALA A 87 -16.44 -1.17 11.22
CA ALA A 87 -16.96 -0.27 12.24
C ALA A 87 -16.94 1.18 11.79
N CYS A 88 -16.82 1.46 10.49
CA CYS A 88 -16.62 2.82 10.02
C CYS A 88 -17.74 3.78 10.31
N ALA A 89 -18.97 3.35 10.61
CA ALA A 89 -19.96 4.34 11.04
C ALA A 89 -19.45 5.10 12.28
N LEU A 90 -18.63 4.45 13.11
CA LEU A 90 -18.00 5.12 14.26
C LEU A 90 -17.02 6.21 13.80
N LEU A 91 -16.10 5.85 12.89
CA LEU A 91 -15.15 6.83 12.36
C LEU A 91 -15.87 8.00 11.72
N TYR A 92 -16.85 7.73 10.87
CA TYR A 92 -17.53 8.82 10.19
C TYR A 92 -18.23 9.73 11.19
N SER A 93 -18.82 9.16 12.23
CA SER A 93 -19.42 9.97 13.27
C SER A 93 -18.42 10.89 13.94
N MET A 94 -17.22 10.38 14.26
CA MET A 94 -16.20 11.23 14.87
C MET A 94 -15.82 12.38 13.93
N LEU A 95 -15.61 12.07 12.65
CA LEU A 95 -15.19 13.08 11.69
C LEU A 95 -16.26 14.15 11.52
N VAL A 96 -17.53 13.74 11.47
CA VAL A 96 -18.61 14.71 11.39
C VAL A 96 -18.65 15.58 12.64
N LEU A 97 -18.55 14.98 13.82
CA LEU A 97 -18.69 15.76 15.06
C LEU A 97 -17.55 16.76 15.19
N TYR A 98 -16.36 16.43 14.71
CA TYR A 98 -15.20 17.31 14.78
C TYR A 98 -15.12 18.29 13.61
N GLY A 99 -16.05 18.29 12.68
CA GLY A 99 -16.05 19.29 11.63
C GLY A 99 -15.01 19.09 10.56
N TYR A 100 -14.64 17.84 10.27
CA TYR A 100 -14.01 17.51 9.03
C TYR A 100 -14.98 17.82 7.87
N ASP A 101 -14.50 17.68 6.64
CA ASP A 101 -15.31 17.93 5.44
C ASP A 101 -16.22 16.73 5.16
N LEU A 102 -17.11 16.48 6.12
CA LEU A 102 -18.03 15.35 6.17
C LEU A 102 -19.14 15.81 7.10
N THR A 103 -20.39 15.68 6.66
CA THR A 103 -21.51 16.24 7.38
C THR A 103 -22.53 15.18 7.75
N VAL A 104 -23.50 15.59 8.56
CA VAL A 104 -24.64 14.71 8.84
C VAL A 104 -25.35 14.31 7.56
N GLU A 105 -25.44 15.20 6.57
CA GLU A 105 -26.04 14.83 5.29
C GLU A 105 -25.27 13.69 4.62
N ASP A 106 -23.94 13.68 4.75
CA ASP A 106 -23.16 12.55 4.26
C ASP A 106 -23.45 11.27 5.05
N LEU A 107 -23.62 11.37 6.39
CA LEU A 107 -23.97 10.19 7.18
C LEU A 107 -25.29 9.59 6.76
N LYS A 108 -26.24 10.44 6.36
CA LYS A 108 -27.53 9.95 5.89
C LYS A 108 -27.39 9.16 4.60
N LYS A 109 -26.29 9.32 3.88
CA LYS A 109 -25.98 8.63 2.65
C LYS A 109 -24.94 7.52 2.86
N PHE A 110 -24.80 7.04 4.08
CA PHE A 110 -23.92 5.91 4.37
C PHE A 110 -24.26 4.76 3.43
N ARG A 111 -23.24 4.19 2.82
CA ARG A 111 -23.40 2.99 2.00
C ARG A 111 -24.24 3.21 0.75
N GLN A 112 -24.44 4.46 0.34
CA GLN A 112 -25.18 4.77 -0.88
CA GLN A 112 -25.20 4.82 -0.86
C GLN A 112 -24.26 5.15 -2.00
N LEU A 113 -24.64 4.74 -3.22
CA LEU A 113 -23.76 4.91 -4.36
C LEU A 113 -23.29 6.35 -4.50
N GLY A 114 -21.97 6.53 -4.60
CA GLY A 114 -21.40 7.84 -4.80
C GLY A 114 -21.17 8.66 -3.56
N SER A 115 -21.52 8.17 -2.37
CA SER A 115 -21.40 9.01 -1.18
C SER A 115 -19.94 9.09 -0.68
N LYS A 116 -19.73 10.04 0.24
CA LYS A 116 -18.47 10.20 0.96
C LYS A 116 -18.39 9.31 2.19
N THR A 117 -19.37 8.40 2.34
CA THR A 117 -19.46 7.51 3.49
C THR A 117 -19.65 6.07 3.00
N PRO A 118 -18.65 5.54 2.32
CA PRO A 118 -18.74 4.15 1.83
C PRO A 118 -18.72 3.15 2.97
N GLY A 119 -19.15 1.93 2.65
CA GLY A 119 -19.29 0.90 3.66
C GLY A 119 -18.04 0.42 4.37
N HIS A 120 -16.88 0.70 3.81
CA HIS A 120 -15.59 0.59 4.51
C HIS A 120 -14.80 1.85 4.16
N PRO A 121 -13.93 2.33 5.04
CA PRO A 121 -13.31 3.64 4.81
C PRO A 121 -12.27 3.57 3.71
N GLU A 122 -12.27 4.59 2.87
CA GLU A 122 -11.37 4.73 1.72
C GLU A 122 -10.65 6.06 1.83
N ASN A 123 -9.31 6.02 1.88
CA ASN A 123 -8.55 7.28 2.00
C ASN A 123 -8.75 8.20 0.82
N THR A 124 -9.04 7.68 -0.36
CA THR A 124 -9.22 8.56 -1.52
C THR A 124 -10.52 9.34 -1.45
N ASP A 125 -11.52 8.88 -0.68
CA ASP A 125 -12.88 9.39 -0.71
C ASP A 125 -13.28 10.09 0.58
N VAL A 126 -12.69 9.73 1.71
CA VAL A 126 -13.15 10.14 3.03
C VAL A 126 -12.13 11.06 3.67
N PRO A 127 -12.43 12.35 3.85
N PRO A 127 -12.44 12.33 3.92
CA PRO A 127 -11.50 13.25 4.58
CA PRO A 127 -11.47 13.20 4.60
C PRO A 127 -11.30 12.76 6.02
C PRO A 127 -11.27 12.68 6.01
N GLY A 128 -10.01 12.59 6.43
CA GLY A 128 -9.69 12.05 7.76
C GLY A 128 -9.53 10.55 7.83
N ALA A 129 -9.72 9.83 6.72
CA ALA A 129 -9.37 8.42 6.66
C ALA A 129 -7.93 8.31 6.15
N GLU A 130 -7.02 7.88 7.02
CA GLU A 130 -5.60 7.87 6.65
C GLU A 130 -5.25 6.80 5.61
N VAL A 131 -5.98 5.69 5.69
CA VAL A 131 -5.73 4.49 4.91
C VAL A 131 -7.10 3.88 4.58
N THR A 132 -7.07 2.88 3.70
CA THR A 132 -8.27 2.14 3.31
C THR A 132 -8.29 0.83 4.08
N THR A 133 -9.32 0.63 4.89
CA THR A 133 -9.41 -0.55 5.73
C THR A 133 -10.74 -1.26 5.46
N GLY A 134 -10.92 -2.40 6.12
CA GLY A 134 -12.04 -3.29 5.82
C GLY A 134 -11.54 -4.72 5.64
N PRO A 135 -10.55 -4.95 4.76
CA PRO A 135 -9.86 -6.25 4.77
C PRO A 135 -9.10 -6.37 6.09
N LEU A 136 -9.47 -7.37 6.88
CA LEU A 136 -9.03 -7.43 8.26
C LEU A 136 -7.52 -7.62 8.33
N GLY A 137 -6.97 -7.07 9.42
CA GLY A 137 -5.55 -7.13 9.67
C GLY A 137 -4.72 -6.01 9.05
N GLN A 138 -5.23 -5.35 8.00
CA GLN A 138 -4.42 -4.40 7.27
C GLN A 138 -4.13 -3.15 8.09
N GLY A 139 -5.15 -2.61 8.74
CA GLY A 139 -4.99 -1.31 9.40
C GLY A 139 -3.95 -1.29 10.49
N ILE A 140 -3.90 -2.35 11.31
CA ILE A 140 -2.85 -2.36 12.34
C ILE A 140 -1.47 -2.35 11.70
N CYS A 141 -1.28 -3.09 10.59
CA CYS A 141 -0.01 -3.07 9.90
C CYS A 141 0.28 -1.69 9.30
N ASN A 142 -0.76 -1.05 8.75
CA ASN A 142 -0.60 0.30 8.27
C ASN A 142 -0.16 1.23 9.40
N GLY A 143 -0.73 1.04 10.59
CA GLY A 143 -0.31 1.81 11.75
C GLY A 143 1.14 1.59 12.12
N VAL A 144 1.61 0.34 12.04
CA VAL A 144 3.03 0.08 12.22
C VAL A 144 3.84 0.90 11.22
N GLY A 145 3.42 0.95 9.95
CA GLY A 145 4.15 1.73 8.96
C GLY A 145 4.11 3.23 9.20
N ILE A 146 2.95 3.75 9.62
CA ILE A 146 2.88 5.19 9.97
C ILE A 146 3.85 5.48 11.10
N ALA A 147 3.89 4.60 12.11
CA ALA A 147 4.77 4.81 13.25
C ALA A 147 6.24 4.65 12.86
N LEU A 148 6.54 3.70 11.97
CA LEU A 148 7.91 3.52 11.49
C LEU A 148 8.36 4.80 10.78
N ALA A 149 7.53 5.29 9.86
CA ALA A 149 7.82 6.52 9.15
C ALA A 149 8.00 7.68 10.12
N GLN A 150 7.12 7.81 11.12
CA GLN A 150 7.27 8.93 12.05
C GLN A 150 8.61 8.86 12.76
N ALA A 151 9.03 7.67 13.18
CA ALA A 151 10.30 7.53 13.87
C ALA A 151 11.46 7.90 12.96
N GLN A 152 11.41 7.45 11.71
CA GLN A 152 12.47 7.75 10.75
C GLN A 152 12.51 9.26 10.45
N PHE A 153 11.35 9.85 10.28
CA PHE A 153 11.20 11.26 9.97
C PHE A 153 11.73 12.11 11.13
N ALA A 154 11.32 11.79 12.36
CA ALA A 154 11.80 12.52 13.53
C ALA A 154 13.31 12.39 13.68
N ALA A 155 13.85 11.20 13.45
CA ALA A 155 15.29 11.02 13.57
C ALA A 155 16.03 11.83 12.51
N THR A 156 15.42 12.02 11.35
CA THR A 156 16.04 12.76 10.26
C THR A 156 16.03 14.26 10.53
N TYR A 157 14.92 14.79 11.04
CA TYR A 157 14.74 16.24 11.11
C TYR A 157 14.81 16.85 12.50
N ASN A 158 14.43 16.16 13.56
CA ASN A 158 14.37 16.84 14.85
C ASN A 158 15.75 17.30 15.28
N LYS A 159 15.79 18.42 15.99
CA LYS A 159 17.01 18.99 16.52
C LYS A 159 16.71 19.49 17.94
N PRO A 160 17.74 19.81 18.72
CA PRO A 160 17.49 20.39 20.06
C PRO A 160 16.61 21.64 19.96
N ASP A 161 15.55 21.69 20.78
CA ASP A 161 14.58 22.77 20.75
C ASP A 161 13.68 22.76 19.52
N PHE A 162 13.80 21.74 18.66
CA PHE A 162 13.01 21.67 17.44
C PHE A 162 12.38 20.27 17.29
N PRO A 163 11.31 20.01 18.06
CA PRO A 163 10.56 18.74 17.91
C PRO A 163 9.61 18.84 16.72
N ILE A 164 10.21 18.80 15.52
CA ILE A 164 9.45 18.89 14.28
C ILE A 164 8.42 17.77 14.20
N SER A 165 8.80 16.57 14.62
CA SER A 165 7.90 15.42 14.59
C SER A 165 7.90 14.71 15.92
N ASP A 166 6.73 14.63 16.54
CA ASP A 166 6.60 14.00 17.85
C ASP A 166 5.23 13.35 18.03
N SER A 167 4.61 12.97 16.92
CA SER A 167 3.24 12.50 16.91
C SER A 167 3.13 11.00 17.19
N TYR A 168 1.92 10.63 17.56
CA TYR A 168 1.54 9.27 17.91
C TYR A 168 0.67 8.66 16.81
N THR A 169 0.59 7.33 16.86
CA THR A 169 -0.24 6.55 15.95
C THR A 169 -1.17 5.70 16.81
N TYR A 170 -2.47 5.95 16.69
CA TYR A 170 -3.49 5.26 17.46
C TYR A 170 -4.26 4.32 16.52
N VAL A 171 -4.39 3.06 16.91
CA VAL A 171 -5.06 2.08 16.05
C VAL A 171 -6.13 1.36 16.85
N PHE A 172 -7.33 1.24 16.29
CA PHE A 172 -8.37 0.35 16.83
C PHE A 172 -8.37 -0.93 16.00
N LEU A 173 -8.44 -2.08 16.68
N LEU A 173 -8.54 -2.05 16.70
CA LEU A 173 -8.50 -3.38 15.98
CA LEU A 173 -8.59 -3.34 16.03
C LEU A 173 -9.35 -4.33 16.81
C LEU A 173 -9.50 -4.25 16.80
N GLY A 174 -9.92 -5.33 16.13
CA GLY A 174 -10.78 -6.31 16.77
C GLY A 174 -10.18 -7.71 16.72
N ASP A 175 -11.02 -8.66 17.14
CA ASP A 175 -10.61 -10.06 17.16
C ASP A 175 -10.22 -10.55 15.77
N GLY A 176 -10.94 -10.11 14.73
CA GLY A 176 -10.63 -10.56 13.39
C GLY A 176 -9.24 -10.13 12.93
N CYS A 177 -8.87 -8.88 13.22
CA CYS A 177 -7.53 -8.43 12.89
C CYS A 177 -6.49 -9.26 13.63
N LEU A 178 -6.74 -9.62 14.89
CA LEU A 178 -5.80 -10.42 15.70
C LEU A 178 -5.68 -11.87 15.22
N MET A 179 -6.69 -12.38 14.51
CA MET A 179 -6.60 -13.71 13.93
C MET A 179 -5.82 -13.75 12.62
N GLU A 180 -5.83 -12.65 11.87
CA GLU A 180 -5.18 -12.61 10.59
C GLU A 180 -3.66 -12.62 10.77
N GLY A 181 -2.98 -13.50 10.04
CA GLY A 181 -1.55 -13.64 10.23
C GLY A 181 -0.77 -12.37 9.93
N VAL A 182 -1.25 -11.52 9.04
CA VAL A 182 -0.51 -10.31 8.70
C VAL A 182 -0.30 -9.46 9.95
N SER A 183 -1.27 -9.43 10.87
CA SER A 183 -1.10 -8.62 12.07
C SER A 183 -0.05 -9.21 13.01
N SER A 184 0.10 -10.52 13.03
CA SER A 184 1.15 -11.14 13.83
C SER A 184 2.51 -10.76 13.30
N GLU A 185 2.67 -10.81 11.98
CA GLU A 185 3.93 -10.40 11.36
C GLU A 185 4.28 -8.96 11.76
N ALA A 186 3.32 -8.05 11.57
CA ALA A 186 3.62 -6.65 11.82
C ALA A 186 3.84 -6.39 13.30
N SER A 187 3.14 -7.11 14.17
CA SER A 187 3.27 -6.91 15.61
C SER A 187 4.61 -7.44 16.12
N SER A 188 5.07 -8.58 15.61
CA SER A 188 6.40 -9.06 15.92
C SER A 188 7.44 -8.02 15.51
N LEU A 189 7.32 -7.50 14.29
CA LEU A 189 8.30 -6.51 13.82
C LEU A 189 8.22 -5.21 14.60
N ALA A 190 7.03 -4.73 14.92
CA ALA A 190 6.89 -3.47 15.65
C ALA A 190 7.49 -3.57 17.06
N GLY A 191 7.32 -4.74 17.70
CA GLY A 191 7.95 -4.97 18.98
C GLY A 191 9.47 -4.97 18.87
N HIS A 192 9.98 -5.67 17.85
CA HIS A 192 11.42 -5.65 17.60
C HIS A 192 11.94 -4.22 17.41
N LEU A 193 11.19 -3.40 16.67
CA LEU A 193 11.60 -2.04 16.34
C LEU A 193 11.32 -1.03 17.45
N GLN A 194 10.77 -1.48 18.58
CA GLN A 194 10.64 -0.66 19.79
C GLN A 194 9.84 0.62 19.50
N LEU A 195 8.74 0.48 18.74
CA LEU A 195 7.99 1.64 18.23
C LEU A 195 7.05 2.18 19.32
N GLY A 196 7.64 2.99 20.21
CA GLY A 196 6.94 3.50 21.38
C GLY A 196 5.88 4.53 21.10
N ASN A 197 5.77 5.08 19.89
CA ASN A 197 4.71 6.02 19.62
C ASN A 197 3.49 5.36 18.97
N LEU A 198 3.49 4.02 18.90
CA LEU A 198 2.34 3.24 18.48
C LEU A 198 1.54 2.79 19.68
N ILE A 199 0.24 3.09 19.66
CA ILE A 199 -0.70 2.73 20.72
C ILE A 199 -1.91 2.09 20.05
N ALA A 200 -2.07 0.79 20.24
CA ALA A 200 -3.17 0.05 19.64
C ALA A 200 -4.17 -0.34 20.72
N PHE A 201 -5.43 -0.46 20.32
CA PHE A 201 -6.52 -0.74 21.24
C PHE A 201 -7.29 -1.93 20.66
N TRP A 202 -7.31 -3.02 21.43
CA TRP A 202 -8.04 -4.23 21.08
C TRP A 202 -9.45 -4.16 21.63
N ASP A 203 -10.44 -4.25 20.73
CA ASP A 203 -11.84 -4.35 21.11
C ASP A 203 -12.12 -5.80 21.55
N ASP A 204 -11.92 -6.03 22.85
CA ASP A 204 -12.05 -7.37 23.42
C ASP A 204 -13.51 -7.60 23.81
N ASN A 205 -14.30 -7.99 22.80
CA ASN A 205 -15.74 -8.17 22.98
C ASN A 205 -16.17 -9.64 22.83
N LYS A 206 -15.23 -10.54 22.55
CA LYS A 206 -15.46 -11.98 22.55
C LYS A 206 -16.50 -12.44 21.55
N ILE A 207 -16.75 -11.69 20.50
CA ILE A 207 -17.78 -12.01 19.50
C ILE A 207 -17.22 -11.74 18.11
N SER A 208 -17.37 -12.69 17.21
CA SER A 208 -17.10 -12.50 15.80
C SER A 208 -18.30 -12.99 14.99
N ILE A 209 -18.19 -13.14 13.68
CA ILE A 209 -19.37 -13.50 12.90
C ILE A 209 -19.88 -14.89 13.25
N ASP A 210 -18.97 -15.83 13.50
CA ASP A 210 -19.38 -17.19 13.81
C ASP A 210 -19.82 -17.37 15.26
N GLY A 211 -19.87 -16.30 16.04
CA GLY A 211 -20.35 -16.37 17.41
C GLY A 211 -19.25 -16.07 18.40
N SER A 212 -19.30 -16.77 19.53
CA SER A 212 -18.29 -16.59 20.54
C SER A 212 -16.89 -16.86 20.01
N THR A 213 -15.91 -16.06 20.45
CA THR A 213 -14.52 -16.39 20.16
C THR A 213 -14.11 -17.71 20.78
N GLU A 214 -14.87 -18.26 21.72
CA GLU A 214 -14.54 -19.57 22.25
C GLU A 214 -14.53 -20.65 21.18
N VAL A 215 -15.19 -20.44 20.03
CA VAL A 215 -15.25 -21.47 19.00
C VAL A 215 -13.97 -21.59 18.17
N ALA A 216 -13.13 -20.56 18.16
CA ALA A 216 -11.99 -20.56 17.24
C ALA A 216 -10.80 -19.73 17.72
N PHE A 217 -10.91 -18.97 18.81
CA PHE A 217 -9.91 -17.95 19.14
C PHE A 217 -9.77 -17.87 20.65
N THR A 218 -9.08 -18.88 21.19
CA THR A 218 -8.94 -19.08 22.62
C THR A 218 -7.52 -18.82 23.12
N GLU A 219 -6.62 -18.38 22.24
CA GLU A 219 -5.26 -18.05 22.63
C GLU A 219 -5.27 -16.93 23.67
N ASP A 220 -4.16 -16.86 24.41
CA ASP A 220 -3.91 -15.76 25.35
C ASP A 220 -3.24 -14.62 24.59
N VAL A 221 -4.07 -13.73 24.04
CA VAL A 221 -3.61 -12.61 23.23
C VAL A 221 -2.58 -11.76 23.98
N ILE A 222 -2.88 -11.44 25.23
CA ILE A 222 -1.99 -10.60 26.01
C ILE A 222 -0.63 -11.23 26.17
N ALA A 223 -0.59 -12.53 26.47
CA ALA A 223 0.69 -13.22 26.59
C ALA A 223 1.43 -13.20 25.26
N ARG A 224 0.71 -13.35 24.15
CA ARG A 224 1.36 -13.28 22.85
C ARG A 224 1.99 -11.90 22.62
N TYR A 225 1.23 -10.83 22.90
CA TYR A 225 1.79 -9.50 22.70
C TYR A 225 2.97 -9.21 23.62
N LYS A 226 2.96 -9.73 24.84
CA LYS A 226 4.15 -9.61 25.68
C LYS A 226 5.34 -10.30 25.03
N SER A 227 5.10 -11.45 24.39
CA SER A 227 6.20 -12.20 23.75
C SER A 227 6.82 -11.43 22.60
N TYR A 228 6.06 -10.52 21.97
CA TYR A 228 6.60 -9.66 20.91
C TYR A 228 7.35 -8.44 21.46
N GLY A 229 7.31 -8.21 22.76
CA GLY A 229 7.93 -7.03 23.33
C GLY A 229 7.03 -5.81 23.40
N TRP A 230 5.71 -5.99 23.39
CA TRP A 230 4.77 -4.89 23.60
C TRP A 230 4.53 -4.68 25.09
N HIS A 231 4.19 -3.43 25.42
CA HIS A 231 3.64 -3.07 26.71
C HIS A 231 2.12 -3.29 26.66
N ILE A 232 1.53 -3.68 27.81
CA ILE A 232 0.11 -3.95 27.88
C ILE A 232 -0.54 -3.04 28.93
N VAL A 233 -1.72 -2.51 28.61
CA VAL A 233 -2.59 -1.90 29.61
C VAL A 233 -3.95 -2.56 29.44
N GLU A 234 -4.59 -2.98 30.54
CA GLU A 234 -5.91 -3.58 30.46
CA GLU A 234 -5.90 -3.59 30.47
C GLU A 234 -6.94 -2.65 31.07
N VAL A 235 -8.03 -2.42 30.35
CA VAL A 235 -9.16 -1.63 30.81
C VAL A 235 -10.36 -2.57 30.91
N SER A 236 -10.71 -2.97 32.13
CA SER A 236 -11.69 -4.03 32.30
C SER A 236 -13.11 -3.56 32.05
N ASP A 237 -13.36 -2.26 32.16
CA ASP A 237 -14.72 -1.73 32.00
C ASP A 237 -14.76 -0.67 30.92
N ALA A 238 -14.40 -1.02 29.70
CA ALA A 238 -14.29 -0.04 28.63
C ALA A 238 -15.64 0.38 28.06
N ASP A 239 -16.75 -0.21 28.53
CA ASP A 239 -18.07 0.28 28.15
C ASP A 239 -18.37 1.64 28.77
N THR A 240 -17.71 1.99 29.88
CA THR A 240 -17.98 3.24 30.60
C THR A 240 -16.73 3.99 31.05
N ASP A 241 -15.60 3.32 31.28
CA ASP A 241 -14.50 3.94 32.05
C ASP A 241 -13.54 4.72 31.16
N ILE A 242 -14.00 5.89 30.70
CA ILE A 242 -13.15 6.74 29.88
C ILE A 242 -11.99 7.31 30.66
N THR A 243 -12.11 7.45 31.99
CA THR A 243 -10.97 7.87 32.81
C THR A 243 -9.83 6.88 32.67
N ALA A 244 -10.15 5.59 32.72
CA ALA A 244 -9.13 4.55 32.60
C ALA A 244 -8.57 4.47 31.19
N ILE A 245 -9.39 4.75 30.16
CA ILE A 245 -8.87 4.74 28.79
C ILE A 245 -7.88 5.89 28.60
N ALA A 246 -8.23 7.09 29.09
CA ALA A 246 -7.31 8.21 29.04
C ALA A 246 -6.03 7.90 29.81
N ALA A 247 -6.16 7.28 31.00
CA ALA A 247 -4.98 6.94 31.79
C ALA A 247 -4.10 5.93 31.07
N ALA A 248 -4.72 4.99 30.33
CA ALA A 248 -3.96 4.02 29.56
C ALA A 248 -3.12 4.68 28.49
N ILE A 249 -3.66 5.72 27.84
CA ILE A 249 -2.90 6.48 26.87
C ILE A 249 -1.73 7.17 27.55
N ASP A 250 -1.98 7.80 28.70
CA ASP A 250 -0.88 8.47 29.40
C ASP A 250 0.21 7.47 29.77
N GLU A 251 -0.19 6.28 30.23
CA GLU A 251 0.77 5.24 30.59
C GLU A 251 1.57 4.81 29.36
N ALA A 252 0.87 4.58 28.24
CA ALA A 252 1.54 4.19 27.01
C ALA A 252 2.58 5.22 26.59
N LYS A 253 2.26 6.50 26.74
CA LYS A 253 3.20 7.54 26.34
C LYS A 253 4.47 7.56 27.19
N LYS A 254 4.41 7.04 28.40
CA LYS A 254 5.60 6.96 29.23
C LYS A 254 6.54 5.83 28.82
N VAL A 255 6.03 4.83 28.10
CA VAL A 255 6.82 3.67 27.69
C VAL A 255 7.35 3.95 26.28
N THR A 256 8.53 4.55 26.19
CA THR A 256 9.01 5.09 24.91
C THR A 256 9.68 4.06 24.02
N ASN A 257 9.93 2.86 24.55
CA ASN A 257 10.67 1.84 23.80
C ASN A 257 9.85 0.60 23.53
N LYS A 258 8.52 0.67 23.66
N LYS A 258 8.52 0.66 23.67
CA LYS A 258 7.67 -0.47 23.31
CA LYS A 258 7.66 -0.46 23.33
C LYS A 258 6.37 0.06 22.75
C LYS A 258 6.38 0.09 22.73
N PRO A 259 5.85 -0.54 21.67
CA PRO A 259 4.46 -0.28 21.29
C PRO A 259 3.55 -0.80 22.40
N THR A 260 2.38 -0.20 22.56
CA THR A 260 1.45 -0.60 23.60
C THR A 260 0.17 -1.14 23.01
N LEU A 261 -0.32 -2.24 23.59
CA LEU A 261 -1.66 -2.77 23.32
C LEU A 261 -2.53 -2.52 24.55
N VAL A 262 -3.62 -1.79 24.33
CA VAL A 262 -4.62 -1.51 25.36
C VAL A 262 -5.79 -2.47 25.12
N ARG A 263 -6.01 -3.36 26.10
CA ARG A 263 -7.13 -4.30 26.04
C ARG A 263 -8.39 -3.58 26.51
N LEU A 264 -9.33 -3.34 25.60
CA LEU A 264 -10.59 -2.68 25.95
C LEU A 264 -11.65 -3.77 26.08
N THR A 265 -12.00 -4.15 27.30
CA THR A 265 -13.06 -5.15 27.46
C THR A 265 -14.40 -4.44 27.30
N THR A 266 -15.10 -4.75 26.21
CA THR A 266 -16.33 -4.09 25.82
C THR A 266 -17.42 -5.13 25.60
N THR A 267 -18.64 -4.63 25.54
CA THR A 267 -19.80 -5.40 25.10
C THR A 267 -20.14 -4.98 23.67
N ILE A 268 -20.07 -5.93 22.72
CA ILE A 268 -20.45 -5.59 21.36
C ILE A 268 -21.89 -5.10 21.40
N GLY A 269 -22.19 -4.03 20.66
CA GLY A 269 -23.55 -3.56 20.65
C GLY A 269 -24.04 -2.98 21.96
N PHE A 270 -23.12 -2.52 22.84
CA PHE A 270 -23.50 -2.03 24.16
C PHE A 270 -24.72 -1.13 24.09
N GLY A 271 -25.71 -1.49 24.91
CA GLY A 271 -26.95 -0.76 25.01
C GLY A 271 -28.09 -1.39 24.25
N SER A 272 -27.80 -2.06 23.16
CA SER A 272 -28.83 -2.72 22.38
C SER A 272 -29.46 -3.86 23.18
N LEU A 273 -30.73 -4.13 22.85
CA LEU A 273 -31.37 -5.35 23.35
C LEU A 273 -30.56 -6.59 22.98
N ALA A 274 -29.86 -6.52 21.84
CA ALA A 274 -29.08 -7.61 21.28
C ALA A 274 -27.59 -7.48 21.61
N GLN A 275 -27.24 -6.65 22.59
CA GLN A 275 -25.83 -6.51 22.95
C GLN A 275 -25.24 -7.88 23.30
N GLY A 276 -23.95 -8.06 23.03
CA GLY A 276 -23.28 -9.28 23.41
C GLY A 276 -23.62 -10.48 22.56
N THR A 277 -24.12 -10.28 21.35
CA THR A 277 -24.52 -11.36 20.46
C THR A 277 -23.93 -11.10 19.07
N HIS A 278 -23.75 -12.19 18.31
CA HIS A 278 -23.24 -12.04 16.94
C HIS A 278 -24.24 -11.30 16.06
N GLY A 279 -25.53 -11.33 16.37
CA GLY A 279 -26.51 -10.68 15.54
C GLY A 279 -26.34 -9.18 15.48
N VAL A 280 -25.71 -8.56 16.49
CA VAL A 280 -25.50 -7.11 16.48
C VAL A 280 -24.24 -6.72 15.73
N HIS A 281 -23.42 -7.68 15.30
CA HIS A 281 -22.19 -7.34 14.60
C HIS A 281 -22.44 -6.62 13.29
N GLY A 282 -23.38 -7.14 12.48
CA GLY A 282 -23.33 -6.86 11.05
C GLY A 282 -24.64 -6.64 10.35
N ALA A 283 -25.67 -6.30 11.09
CA ALA A 283 -26.94 -5.98 10.48
C ALA A 283 -27.58 -4.83 11.25
N PRO A 284 -28.47 -4.09 10.60
CA PRO A 284 -29.16 -3.01 11.30
C PRO A 284 -29.94 -3.49 12.50
N LEU A 285 -30.01 -2.63 13.52
CA LEU A 285 -30.83 -2.90 14.69
C LEU A 285 -32.31 -2.84 14.33
N LYS A 286 -33.14 -3.48 15.14
CA LYS A 286 -34.58 -3.32 15.00
C LYS A 286 -35.00 -1.91 15.43
N ALA A 287 -36.07 -1.40 14.81
CA ALA A 287 -36.52 -0.05 15.12
C ALA A 287 -36.84 0.14 16.61
N ASP A 288 -37.46 -0.87 17.25
CA ASP A 288 -37.80 -0.74 18.66
C ASP A 288 -36.57 -0.72 19.54
N ASP A 289 -35.51 -1.42 19.11
CA ASP A 289 -34.26 -1.38 19.82
C ASP A 289 -33.67 0.02 19.78
N ILE A 290 -33.69 0.65 18.60
CA ILE A 290 -33.17 2.02 18.50
C ILE A 290 -33.96 2.97 19.39
N LYS A 291 -35.28 2.80 19.49
CA LYS A 291 -36.08 3.66 20.35
C LYS A 291 -35.66 3.54 21.81
N GLN A 292 -35.47 2.31 22.31
CA GLN A 292 -35.09 2.15 23.70
C GLN A 292 -33.67 2.67 23.97
N LEU A 293 -32.77 2.55 22.99
CA LEU A 293 -31.43 3.16 23.13
C LEU A 293 -31.57 4.65 23.36
N LYS A 294 -32.37 5.30 22.51
CA LYS A 294 -32.50 6.74 22.62
C LYS A 294 -33.09 7.16 23.96
N THR A 295 -34.14 6.49 24.39
CA THR A 295 -34.73 6.94 25.65
C THR A 295 -33.80 6.66 26.83
N LYS A 296 -33.08 5.54 26.86
CA LYS A 296 -32.19 5.24 27.99
C LYS A 296 -31.10 6.29 28.10
N TRP A 297 -30.73 6.91 26.99
CA TRP A 297 -29.63 7.84 26.96
C TRP A 297 -30.09 9.30 26.89
N GLY A 298 -31.38 9.55 27.02
CA GLY A 298 -31.88 10.91 27.10
C GLY A 298 -32.12 11.59 25.79
N PHE A 299 -32.18 10.83 24.69
CA PHE A 299 -32.44 11.34 23.37
C PHE A 299 -33.89 11.12 22.99
N ASN A 300 -34.34 11.81 21.96
CA ASN A 300 -35.72 11.71 21.50
C ASN A 300 -35.85 10.51 20.57
N PRO A 301 -36.63 9.49 20.94
CA PRO A 301 -36.73 8.29 20.08
C PRO A 301 -37.37 8.56 18.73
N GLU A 302 -38.02 9.71 18.56
CA GLU A 302 -38.58 10.12 17.28
C GLU A 302 -37.58 10.80 16.37
N GLU A 303 -36.39 11.12 16.86
CA GLU A 303 -35.41 11.91 16.12
C GLU A 303 -34.25 11.02 15.70
N SER A 304 -33.75 11.27 14.49
N SER A 304 -33.77 11.24 14.48
CA SER A 304 -32.53 10.61 14.02
CA SER A 304 -32.54 10.63 14.00
C SER A 304 -31.49 11.66 13.67
C SER A 304 -31.48 11.69 13.73
N PHE A 305 -30.23 11.23 13.77
CA PHE A 305 -29.07 12.08 13.46
C PHE A 305 -28.99 13.32 14.34
N ALA A 306 -29.35 13.18 15.62
CA ALA A 306 -29.26 14.29 16.55
C ALA A 306 -27.81 14.64 16.87
N VAL A 307 -27.51 15.93 16.91
CA VAL A 307 -26.19 16.40 17.33
C VAL A 307 -26.42 17.51 18.36
N PRO A 308 -26.40 17.20 19.64
CA PRO A 308 -26.60 18.23 20.67
C PRO A 308 -25.53 19.30 20.55
N ALA A 309 -25.96 20.55 20.65
CA ALA A 309 -25.02 21.65 20.48
C ALA A 309 -23.96 21.69 21.56
N GLU A 310 -24.24 21.16 22.75
CA GLU A 310 -23.20 21.12 23.77
C GLU A 310 -22.06 20.17 23.38
N VAL A 311 -22.38 19.10 22.63
CA VAL A 311 -21.34 18.20 22.15
C VAL A 311 -20.48 18.90 21.12
N THR A 312 -21.12 19.55 20.16
CA THR A 312 -20.39 20.34 19.19
C THR A 312 -19.50 21.37 19.87
N ALA A 313 -20.01 22.04 20.91
CA ALA A 313 -19.19 23.05 21.59
C ALA A 313 -17.96 22.43 22.21
N SER A 314 -18.14 21.29 22.89
N SER A 314 -18.13 21.29 22.89
CA SER A 314 -17.04 20.62 23.54
CA SER A 314 -16.97 20.68 23.55
C SER A 314 -15.98 20.20 22.54
C SER A 314 -15.95 20.19 22.54
N TYR A 315 -16.42 19.62 21.43
CA TYR A 315 -15.50 19.15 20.40
C TYR A 315 -14.81 20.32 19.72
N ASN A 316 -15.56 21.42 19.49
CA ASN A 316 -14.96 22.62 18.90
C ASN A 316 -13.88 23.19 19.78
N GLU A 317 -14.02 23.13 21.11
CA GLU A 317 -12.98 23.63 22.02
CA GLU A 317 -12.97 23.65 21.96
C GLU A 317 -11.68 22.89 21.75
N HIS A 318 -11.77 21.57 21.62
CA HIS A 318 -10.58 20.75 21.38
C HIS A 318 -9.96 21.07 20.02
N VAL A 319 -10.79 21.24 18.99
CA VAL A 319 -10.30 21.63 17.68
C VAL A 319 -9.57 22.96 17.76
N ALA A 320 -10.16 23.94 18.44
CA ALA A 320 -9.52 25.25 18.53
C ALA A 320 -8.16 25.14 19.21
N GLU A 321 -8.07 24.35 20.28
CA GLU A 321 -6.79 24.12 20.96
C GLU A 321 -5.79 23.47 20.01
N ASN A 322 -6.24 22.46 19.27
CA ASN A 322 -5.36 21.79 18.31
C ASN A 322 -4.89 22.75 17.23
N GLN A 323 -5.75 23.65 16.76
CA GLN A 323 -5.35 24.60 15.73
C GLN A 323 -4.32 25.57 16.26
N LYS A 324 -4.41 25.96 17.55
CA LYS A 324 -3.35 26.78 18.13
C LYS A 324 -2.04 26.00 18.24
N ILE A 325 -2.10 24.70 18.53
CA ILE A 325 -0.91 23.87 18.50
C ILE A 325 -0.29 23.84 17.12
N GLN A 326 -1.10 23.66 16.06
CA GLN A 326 -0.55 23.67 14.71
C GLN A 326 0.02 25.05 14.37
N GLN A 327 -0.65 26.13 14.79
CA GLN A 327 -0.13 27.47 14.55
C GLN A 327 1.27 27.63 15.14
N GLN A 328 1.46 27.14 16.35
CA GLN A 328 2.76 27.20 16.98
C GLN A 328 3.77 26.30 16.27
N TRP A 329 3.33 25.13 15.80
CA TRP A 329 4.21 24.27 15.00
C TRP A 329 4.66 24.99 13.73
N ASN A 330 3.76 25.73 13.07
CA ASN A 330 4.18 26.46 11.88
C ASN A 330 5.26 27.47 12.23
N GLU A 331 5.17 28.14 13.39
CA GLU A 331 6.23 29.06 13.79
C GLU A 331 7.52 28.32 14.12
N LEU A 332 7.41 27.16 14.76
CA LEU A 332 8.58 26.34 15.03
C LEU A 332 9.28 25.97 13.71
N PHE A 333 8.50 25.58 12.70
CA PHE A 333 9.03 25.22 11.40
C PHE A 333 9.72 26.42 10.75
N ALA A 334 9.14 27.61 10.85
CA ALA A 334 9.80 28.79 10.30
C ALA A 334 11.13 29.03 11.01
N ALA A 335 11.16 28.88 12.34
CA ALA A 335 12.41 29.08 13.07
C ALA A 335 13.42 28.00 12.73
N TYR A 336 12.95 26.79 12.46
CA TYR A 336 13.82 25.69 12.06
C TYR A 336 14.49 26.01 10.74
N LYS A 337 13.74 26.57 9.79
CA LYS A 337 14.32 26.93 8.51
C LYS A 337 15.41 27.98 8.65
N GLN A 338 15.30 28.86 9.63
CA GLN A 338 16.38 29.83 9.87
C GLN A 338 17.58 29.17 10.52
N LYS A 339 17.36 28.30 11.50
CA LYS A 339 18.47 27.71 12.24
C LYS A 339 19.18 26.60 11.46
N TYR A 340 18.45 25.86 10.63
CA TYR A 340 18.94 24.69 9.90
C TYR A 340 18.55 24.89 8.45
N PRO A 341 19.24 25.75 7.72
CA PRO A 341 18.72 26.17 6.42
C PRO A 341 18.60 25.02 5.42
N GLU A 342 19.58 24.12 5.38
CA GLU A 342 19.55 23.03 4.41
C GLU A 342 18.46 22.01 4.74
N LEU A 343 18.41 21.56 6.00
CA LEU A 343 17.37 20.63 6.40
C LEU A 343 16.01 21.25 6.24
N GLY A 344 15.89 22.53 6.56
CA GLY A 344 14.60 23.18 6.45
C GLY A 344 14.11 23.25 5.03
N ALA A 345 15.01 23.53 4.08
CA ALA A 345 14.59 23.58 2.69
C ALA A 345 14.21 22.19 2.19
N GLU A 346 14.94 21.15 2.64
CA GLU A 346 14.61 19.77 2.27
C GLU A 346 13.24 19.40 2.80
N LEU A 347 12.97 19.74 4.06
CA LEU A 347 11.70 19.43 4.65
C LEU A 347 10.58 20.16 3.91
N GLN A 348 10.78 21.45 3.60
CA GLN A 348 9.76 22.19 2.88
C GLN A 348 9.46 21.55 1.54
N ARG A 349 10.49 21.18 0.79
CA ARG A 349 10.28 20.56 -0.51
C ARG A 349 9.46 19.28 -0.38
N ARG A 350 9.79 18.45 0.61
CA ARG A 350 9.05 17.20 0.83
C ARG A 350 7.60 17.47 1.19
N LEU A 351 7.33 18.47 2.04
CA LEU A 351 5.95 18.78 2.40
C LEU A 351 5.18 19.38 1.23
N ASP A 352 5.88 19.94 0.25
CA ASP A 352 5.26 20.40 -0.98
C ASP A 352 5.04 19.28 -2.00
N GLY A 353 5.52 18.08 -1.71
CA GLY A 353 5.32 16.94 -2.59
C GLY A 353 6.24 16.89 -3.78
N LYS A 354 7.38 17.58 -3.71
CA LYS A 354 8.27 17.72 -4.85
C LYS A 354 9.54 16.95 -4.59
N LEU A 355 10.00 16.21 -5.61
CA LEU A 355 11.32 15.59 -5.58
C LEU A 355 12.42 16.65 -5.78
N PRO A 356 13.67 16.33 -5.45
CA PRO A 356 14.75 17.26 -5.72
C PRO A 356 14.83 17.60 -7.20
N GLU A 357 15.17 18.86 -7.46
CA GLU A 357 15.31 19.32 -8.83
C GLU A 357 16.35 18.45 -9.55
N ASN A 358 15.99 17.95 -10.71
CA ASN A 358 16.92 17.21 -11.55
C ASN A 358 17.46 15.95 -10.87
N TRP A 359 16.69 15.35 -9.93
CA TRP A 359 17.17 14.15 -9.25
C TRP A 359 17.47 13.05 -10.24
N ASP A 360 16.71 13.02 -11.34
CA ASP A 360 16.80 11.92 -12.29
C ASP A 360 18.10 11.93 -13.09
N LYS A 361 18.89 13.00 -13.00
CA LYS A 361 20.22 12.98 -13.60
C LYS A 361 21.11 11.94 -12.92
N ALA A 362 20.76 11.47 -11.73
CA ALA A 362 21.51 10.40 -11.07
C ALA A 362 21.21 9.03 -11.65
N LEU A 363 20.15 8.86 -12.43
CA LEU A 363 19.83 7.55 -12.95
C LEU A 363 20.93 7.06 -13.90
N PRO A 364 21.39 5.83 -13.74
CA PRO A 364 22.40 5.28 -14.65
C PRO A 364 21.87 5.14 -16.07
N VAL A 365 22.76 5.37 -17.02
CA VAL A 365 22.48 5.23 -18.46
C VAL A 365 23.52 4.28 -19.04
N TYR A 366 23.08 3.46 -19.98
CA TYR A 366 23.88 2.40 -20.60
C TYR A 366 23.86 2.54 -22.11
N THR A 367 24.85 1.90 -22.74
CA THR A 367 24.90 1.82 -24.19
C THR A 367 24.98 0.36 -24.56
N PRO A 368 24.77 0.05 -25.84
CA PRO A 368 24.87 -1.35 -26.26
C PRO A 368 26.28 -1.94 -26.15
N ALA A 369 27.31 -1.11 -25.97
CA ALA A 369 28.67 -1.60 -25.76
C ALA A 369 28.91 -2.06 -24.34
N ASP A 370 28.02 -1.76 -23.41
CA ASP A 370 28.21 -2.14 -22.02
C ASP A 370 27.89 -3.63 -21.82
N ALA A 371 28.45 -4.18 -20.75
CA ALA A 371 28.30 -5.59 -20.43
C ALA A 371 26.86 -5.97 -20.08
N ALA A 372 26.56 -7.25 -20.25
CA ALA A 372 25.29 -7.81 -19.79
C ALA A 372 25.24 -7.78 -18.27
N VAL A 373 24.05 -7.51 -17.73
CA VAL A 373 23.84 -7.35 -16.29
C VAL A 373 22.44 -7.90 -16.00
N ALA A 374 22.26 -8.58 -14.86
CA ALA A 374 20.91 -8.98 -14.43
C ALA A 374 20.13 -7.74 -14.02
N THR A 375 18.81 -7.72 -14.28
CA THR A 375 18.11 -6.53 -13.87
C THR A 375 18.01 -6.38 -12.34
N ARG A 376 18.18 -7.46 -11.55
CA ARG A 376 18.29 -7.25 -10.10
C ARG A 376 19.53 -6.43 -9.75
N LYS A 377 20.64 -6.67 -10.46
CA LYS A 377 21.89 -5.93 -10.20
C LYS A 377 21.79 -4.50 -10.74
N LEU A 378 21.15 -4.33 -11.90
CA LEU A 378 20.88 -2.98 -12.39
C LEU A 378 20.07 -2.19 -11.37
N SER A 379 19.07 -2.84 -10.76
CA SER A 379 18.29 -2.22 -9.71
C SER A 379 19.16 -1.79 -8.51
N GLU A 380 20.04 -2.68 -8.04
CA GLU A 380 21.01 -2.32 -7.00
C GLU A 380 21.77 -1.05 -7.36
N ILE A 381 22.26 -1.00 -8.59
CA ILE A 381 23.05 0.13 -9.03
C ILE A 381 22.18 1.41 -9.03
N VAL A 382 20.95 1.33 -9.54
CA VAL A 382 20.05 2.50 -9.48
C VAL A 382 19.90 2.98 -8.05
N LEU A 383 19.54 2.07 -7.15
CA LEU A 383 19.33 2.43 -5.75
C LEU A 383 20.57 3.10 -5.17
N SER A 384 21.75 2.57 -5.51
CA SER A 384 23.03 3.11 -5.04
CA SER A 384 22.96 3.15 -4.95
C SER A 384 23.22 4.56 -5.46
N LYS A 385 22.71 4.92 -6.64
CA LYS A 385 22.86 6.28 -7.16
C LYS A 385 21.78 7.22 -6.64
N ILE A 386 20.54 6.74 -6.47
CA ILE A 386 19.45 7.64 -6.16
C ILE A 386 19.20 7.80 -4.67
N ILE A 387 19.51 6.79 -3.84
CA ILE A 387 19.33 6.94 -2.40
C ILE A 387 20.09 8.14 -1.85
N PRO A 388 21.37 8.37 -2.23
CA PRO A 388 22.05 9.57 -1.74
C PRO A 388 21.47 10.87 -2.24
N GLU A 389 20.73 10.86 -3.33
CA GLU A 389 20.18 12.06 -3.95
C GLU A 389 18.76 12.38 -3.51
N VAL A 390 18.04 11.41 -2.97
CA VAL A 390 16.61 11.56 -2.69
C VAL A 390 16.39 11.05 -1.27
N PRO A 391 16.41 11.92 -0.27
CA PRO A 391 16.36 11.44 1.14
C PRO A 391 15.06 10.76 1.51
N GLU A 392 13.99 11.05 0.80
CA GLU A 392 12.70 10.44 1.12
C GLU A 392 12.56 9.01 0.59
N ILE A 393 13.59 8.45 -0.04
CA ILE A 393 13.60 7.02 -0.34
C ILE A 393 14.07 6.25 0.88
N ILE A 394 13.24 5.30 1.33
CA ILE A 394 13.64 4.28 2.30
C ILE A 394 13.04 2.97 1.81
N GLY A 395 13.59 1.85 2.28
CA GLY A 395 13.01 0.58 1.86
C GLY A 395 13.68 -0.57 2.53
N GLY A 396 13.34 -1.79 2.11
CA GLY A 396 13.90 -2.96 2.75
C GLY A 396 13.63 -4.20 1.95
N SER A 397 13.86 -5.35 2.59
N SER A 397 13.76 -5.33 2.62
CA SER A 397 13.60 -6.66 1.99
CA SER A 397 13.44 -6.58 1.99
C SER A 397 13.06 -7.60 3.06
C SER A 397 12.96 -7.55 3.05
N ALA A 398 12.26 -8.56 2.57
CA ALA A 398 11.71 -9.62 3.42
C ALA A 398 12.71 -10.79 3.50
N ASP A 399 13.83 -10.55 4.22
CA ASP A 399 14.88 -11.55 4.42
C ASP A 399 15.54 -12.01 3.13
N LEU A 400 15.61 -11.13 2.12
CA LEU A 400 16.22 -11.46 0.86
C LEU A 400 17.21 -10.38 0.43
N THR A 401 17.81 -9.68 1.37
CA THR A 401 18.70 -8.57 1.01
C THR A 401 19.83 -8.95 0.06
N PRO A 402 20.57 -10.04 0.28
CA PRO A 402 21.66 -10.36 -0.65
C PRO A 402 21.20 -11.01 -1.93
N SER A 403 19.93 -11.36 -2.07
N SER A 403 19.91 -11.29 -2.07
CA SER A 403 19.36 -11.93 -3.29
CA SER A 403 19.36 -11.89 -3.24
C SER A 403 18.65 -10.86 -4.11
C SER A 403 18.61 -10.89 -4.10
N ASN A 404 17.85 -10.01 -3.46
CA ASN A 404 17.15 -8.95 -4.16
C ASN A 404 18.09 -7.78 -4.49
N LEU A 405 19.16 -7.61 -3.70
CA LEU A 405 20.17 -6.57 -3.91
C LEU A 405 19.58 -5.17 -3.65
N THR A 406 18.85 -5.06 -2.53
CA THR A 406 18.04 -3.90 -2.20
C THR A 406 18.69 -2.88 -1.27
N LYS A 407 19.86 -3.19 -0.71
CA LYS A 407 20.53 -2.29 0.20
C LYS A 407 21.70 -1.60 -0.48
N ALA A 408 21.74 -0.27 -0.42
CA ALA A 408 22.90 0.46 -0.93
C ALA A 408 24.05 0.39 0.07
N LYS A 409 25.24 0.08 -0.43
CA LYS A 409 26.43 0.08 0.42
C LYS A 409 26.58 1.41 1.11
N GLY A 410 26.94 1.37 2.40
CA GLY A 410 27.14 2.62 3.11
C GLY A 410 25.89 3.24 3.67
N THR A 411 24.76 2.53 3.66
CA THR A 411 23.61 2.95 4.44
C THR A 411 23.52 2.15 5.72
N VAL A 412 22.78 2.73 6.67
CA VAL A 412 22.56 2.10 7.95
C VAL A 412 21.13 1.58 8.01
N ASP A 413 20.94 0.50 8.74
CA ASP A 413 19.61 -0.06 8.89
C ASP A 413 18.78 0.78 9.85
N PHE A 414 17.47 0.79 9.58
CA PHE A 414 16.48 1.32 10.49
C PHE A 414 16.29 0.34 11.62
N GLN A 415 16.81 0.67 12.80
CA GLN A 415 16.69 -0.11 14.02
C GLN A 415 16.69 0.86 15.18
N PRO A 416 16.10 0.50 16.32
CA PRO A 416 16.33 1.31 17.52
C PRO A 416 17.81 1.28 17.88
N ALA A 417 18.37 2.46 18.18
CA ALA A 417 19.78 2.54 18.55
C ALA A 417 20.12 1.65 19.73
N ALA A 418 19.14 1.39 20.62
CA ALA A 418 19.41 0.53 21.78
C ALA A 418 19.91 -0.85 21.38
N THR A 419 19.58 -1.32 20.17
CA THR A 419 20.03 -2.64 19.72
C THR A 419 21.48 -2.65 19.26
N GLY A 420 22.05 -1.49 18.93
CA GLY A 420 23.36 -1.41 18.29
C GLY A 420 23.40 -1.82 16.83
N LEU A 421 22.25 -2.14 16.24
CA LEU A 421 22.18 -2.73 14.91
C LEU A 421 21.81 -1.74 13.83
N GLY A 422 21.56 -0.50 14.21
CA GLY A 422 21.08 0.53 13.29
C GLY A 422 20.67 1.73 14.11
N ASP A 423 19.89 2.62 13.49
CA ASP A 423 19.38 3.80 14.16
C ASP A 423 18.07 4.16 13.50
N TYR A 424 17.22 4.94 14.17
CA TYR A 424 15.97 5.36 13.53
C TYR A 424 16.21 6.28 12.34
N SER A 425 17.40 6.92 12.23
CA SER A 425 17.71 7.68 11.04
C SER A 425 18.09 6.81 9.85
N GLY A 426 18.21 5.50 10.07
CA GLY A 426 18.58 4.59 9.00
C GLY A 426 17.53 4.52 7.92
N ARG A 427 17.94 3.95 6.79
CA ARG A 427 17.15 3.97 5.57
C ARG A 427 16.80 2.60 5.04
N TYR A 428 17.28 1.54 5.69
CA TYR A 428 17.12 0.17 5.19
C TYR A 428 16.43 -0.68 6.25
N ILE A 429 15.32 -1.30 5.90
CA ILE A 429 14.46 -2.03 6.84
C ILE A 429 14.63 -3.53 6.63
N ARG A 430 14.95 -4.22 7.71
CA ARG A 430 15.02 -5.68 7.73
C ARG A 430 13.63 -6.20 8.12
N TYR A 431 12.81 -6.50 7.11
CA TYR A 431 11.43 -6.91 7.38
C TYR A 431 11.33 -8.33 7.92
N GLY A 432 12.37 -9.16 7.76
CA GLY A 432 12.23 -10.57 8.06
C GLY A 432 11.31 -11.24 7.03
N VAL A 433 10.94 -12.50 7.30
CA VAL A 433 10.20 -13.30 6.32
C VAL A 433 8.70 -13.00 6.48
N ARG A 434 8.32 -11.79 6.05
CA ARG A 434 7.04 -11.17 6.41
C ARG A 434 6.52 -10.37 5.21
N GLU A 435 6.27 -11.03 4.07
CA GLU A 435 5.94 -10.28 2.86
C GLU A 435 4.64 -9.50 3.02
N HIS A 436 3.63 -10.14 3.58
CA HIS A 436 2.32 -9.49 3.66
C HIS A 436 2.39 -8.24 4.53
N ALA A 437 2.99 -8.39 5.72
CA ALA A 437 3.14 -7.21 6.56
C ALA A 437 4.04 -6.17 5.91
N MET A 438 5.09 -6.58 5.22
CA MET A 438 5.89 -5.61 4.50
C MET A 438 5.02 -4.79 3.57
N GLY A 439 4.15 -5.46 2.81
CA GLY A 439 3.28 -4.73 1.90
C GLY A 439 2.39 -3.72 2.60
N ALA A 440 1.80 -4.13 3.73
CA ALA A 440 0.89 -3.24 4.45
C ALA A 440 1.65 -2.14 5.22
N ILE A 441 2.84 -2.46 5.71
CA ILE A 441 3.70 -1.45 6.32
C ILE A 441 4.12 -0.41 5.28
N MET A 442 4.48 -0.85 4.06
N MET A 442 4.43 -0.87 4.06
CA MET A 442 4.78 0.12 3.00
CA MET A 442 4.77 0.05 2.97
C MET A 442 3.61 1.08 2.79
C MET A 442 3.62 1.03 2.71
N ASN A 443 2.38 0.55 2.78
CA ASN A 443 1.22 1.42 2.64
C ASN A 443 1.17 2.45 3.75
N GLY A 444 1.46 2.04 4.99
CA GLY A 444 1.50 3.00 6.10
C GLY A 444 2.60 4.04 5.97
N ILE A 445 3.78 3.64 5.51
CA ILE A 445 4.85 4.61 5.29
C ILE A 445 4.42 5.64 4.25
N ALA A 446 3.81 5.18 3.15
CA ALA A 446 3.29 6.10 2.14
C ALA A 446 2.22 7.00 2.74
N ALA A 447 1.33 6.44 3.57
CA ALA A 447 0.25 7.19 4.17
C ALA A 447 0.77 8.28 5.10
N PHE A 448 1.92 8.08 5.75
CA PHE A 448 2.49 9.12 6.61
C PHE A 448 2.62 10.43 5.84
N GLY A 449 3.07 10.34 4.58
CA GLY A 449 3.23 11.49 3.73
C GLY A 449 4.69 11.94 3.65
N ALA A 450 4.90 13.25 3.64
CA ALA A 450 6.24 13.82 3.56
C ALA A 450 7.01 13.28 2.34
N ASN A 451 6.28 12.95 1.28
CA ASN A 451 6.88 12.51 0.03
C ASN A 451 7.64 11.19 0.14
N TYR A 452 7.40 10.38 1.18
CA TYR A 452 8.11 9.11 1.26
C TYR A 452 7.87 8.27 0.00
N LYS A 453 8.96 7.75 -0.55
CA LYS A 453 8.96 6.86 -1.72
C LYS A 453 9.63 5.59 -1.23
N ASN A 454 8.81 4.59 -0.84
CA ASN A 454 9.36 3.46 -0.14
C ASN A 454 9.16 2.16 -0.91
N TYR A 455 10.07 1.23 -0.67
CA TYR A 455 10.14 0.00 -1.45
C TYR A 455 10.35 -1.22 -0.57
N GLY A 456 10.05 -2.38 -1.15
CA GLY A 456 10.16 -3.64 -0.43
C GLY A 456 10.54 -4.72 -1.40
N GLY A 457 11.58 -5.49 -1.06
CA GLY A 457 12.06 -6.57 -1.90
C GLY A 457 11.61 -7.97 -1.46
N THR A 458 11.27 -8.77 -2.46
CA THR A 458 11.13 -10.21 -2.27
C THR A 458 11.27 -10.85 -3.66
N PHE A 459 11.19 -12.18 -3.70
CA PHE A 459 11.04 -12.84 -5.00
C PHE A 459 9.66 -12.57 -5.54
N LEU A 460 9.57 -12.38 -6.87
CA LEU A 460 8.28 -12.09 -7.49
C LEU A 460 7.20 -13.09 -7.08
N ASN A 461 7.53 -14.39 -7.04
CA ASN A 461 6.51 -15.37 -6.74
C ASN A 461 5.90 -15.19 -5.34
N PHE A 462 6.64 -14.58 -4.43
CA PHE A 462 6.15 -14.40 -3.07
C PHE A 462 5.56 -13.02 -2.82
N VAL A 463 5.54 -12.13 -3.83
CA VAL A 463 4.67 -10.96 -3.74
C VAL A 463 3.24 -11.41 -3.54
N SER A 464 2.92 -12.60 -4.08
CA SER A 464 1.58 -13.16 -3.96
C SER A 464 1.16 -13.39 -2.51
N TYR A 465 2.11 -13.63 -1.58
CA TYR A 465 1.78 -13.75 -0.16
C TYR A 465 1.17 -12.46 0.39
N ALA A 466 1.45 -11.34 -0.28
CA ALA A 466 1.05 -10.01 0.15
C ALA A 466 -0.10 -9.45 -0.69
N ALA A 467 -0.79 -10.28 -1.47
CA ALA A 467 -1.85 -9.80 -2.35
C ALA A 467 -2.87 -8.92 -1.64
N GLY A 468 -3.24 -9.26 -0.40
CA GLY A 468 -4.23 -8.45 0.30
C GLY A 468 -3.82 -6.98 0.39
N ALA A 469 -2.56 -6.76 0.75
CA ALA A 469 -2.00 -5.41 0.87
C ALA A 469 -1.73 -4.78 -0.48
N VAL A 470 -1.23 -5.53 -1.45
CA VAL A 470 -0.93 -4.98 -2.78
C VAL A 470 -2.19 -4.39 -3.40
N ARG A 471 -3.29 -5.12 -3.32
CA ARG A 471 -4.53 -4.62 -3.89
C ARG A 471 -4.93 -3.30 -3.21
N LEU A 472 -4.72 -3.22 -1.90
CA LEU A 472 -4.99 -1.97 -1.18
C LEU A 472 -4.04 -0.86 -1.58
N SER A 473 -2.79 -1.15 -1.95
CA SER A 473 -1.94 -0.09 -2.48
C SER A 473 -2.58 0.55 -3.71
N ALA A 474 -3.15 -0.28 -4.57
CA ALA A 474 -3.80 0.16 -5.80
C ALA A 474 -5.05 0.97 -5.50
N LEU A 475 -5.92 0.44 -4.63
CA LEU A 475 -7.18 1.11 -4.29
C LEU A 475 -6.93 2.41 -3.54
N SER A 476 -5.88 2.45 -2.71
CA SER A 476 -5.53 3.62 -1.90
C SER A 476 -4.70 4.64 -2.65
N GLU A 477 -4.22 4.29 -3.83
CA GLU A 477 -3.43 5.17 -4.68
C GLU A 477 -2.12 5.57 -4.00
N PHE A 478 -1.43 4.57 -3.41
CA PHE A 478 -0.16 4.83 -2.78
C PHE A 478 1.02 4.48 -3.68
N PRO A 479 2.01 5.37 -3.76
CA PRO A 479 3.20 5.15 -4.61
C PRO A 479 4.25 4.35 -3.85
N ILE A 480 3.95 3.08 -3.62
CA ILE A 480 4.88 2.11 -3.06
C ILE A 480 5.49 1.33 -4.20
N THR A 481 6.61 0.65 -3.94
CA THR A 481 7.33 -0.09 -4.96
C THR A 481 7.78 -1.45 -4.43
N TRP A 482 7.44 -2.50 -5.16
CA TRP A 482 7.96 -3.83 -4.91
C TRP A 482 9.15 -4.07 -5.83
N VAL A 483 10.27 -4.48 -5.24
CA VAL A 483 11.48 -4.85 -5.95
C VAL A 483 11.45 -6.38 -6.00
N ALA A 484 10.90 -6.91 -7.09
CA ALA A 484 10.42 -8.29 -7.15
C ALA A 484 11.34 -9.09 -8.07
N THR A 485 12.39 -9.65 -7.49
CA THR A 485 13.45 -10.28 -8.27
C THR A 485 13.13 -11.75 -8.54
N HIS A 486 13.99 -12.37 -9.35
CA HIS A 486 13.85 -13.80 -9.64
C HIS A 486 12.51 -14.06 -10.32
N ASP A 487 12.29 -13.34 -11.42
CA ASP A 487 10.97 -13.16 -12.00
C ASP A 487 10.40 -14.34 -12.77
N SER A 488 11.16 -15.39 -13.08
CA SER A 488 10.67 -16.38 -14.02
C SER A 488 11.42 -17.69 -13.83
N ILE A 489 11.16 -18.64 -14.73
CA ILE A 489 12.00 -19.82 -14.89
C ILE A 489 13.48 -19.51 -15.04
N GLY A 490 13.82 -18.27 -15.41
CA GLY A 490 15.21 -17.85 -15.43
C GLY A 490 15.93 -17.99 -14.10
N LEU A 491 15.21 -18.12 -12.98
CA LEU A 491 15.86 -18.36 -11.70
C LEU A 491 16.44 -19.76 -11.62
N GLY A 492 15.93 -20.72 -12.39
CA GLY A 492 16.57 -22.04 -12.45
C GLY A 492 16.19 -23.00 -11.34
N GLU A 493 17.19 -23.38 -10.55
CA GLU A 493 17.17 -24.62 -9.78
C GLU A 493 16.16 -24.64 -8.64
N ASP A 494 15.78 -23.49 -8.07
CA ASP A 494 14.81 -23.55 -7.00
C ASP A 494 13.48 -24.14 -7.46
N GLY A 495 13.15 -24.08 -8.76
CA GLY A 495 12.06 -24.88 -9.28
C GLY A 495 10.69 -24.24 -9.19
N PRO A 496 9.66 -25.06 -9.49
CA PRO A 496 8.34 -24.50 -9.77
C PRO A 496 7.65 -23.85 -8.58
N THR A 497 8.03 -24.20 -7.34
CA THR A 497 7.48 -23.52 -6.18
C THR A 497 7.91 -22.07 -6.08
N HIS A 498 8.95 -21.70 -6.84
CA HIS A 498 9.52 -20.36 -6.81
C HIS A 498 9.33 -19.58 -8.10
N GLN A 499 8.91 -20.23 -9.20
CA GLN A 499 8.90 -19.64 -10.54
C GLN A 499 7.53 -19.08 -10.86
N PRO A 500 7.40 -17.76 -11.02
CA PRO A 500 6.11 -17.15 -11.37
C PRO A 500 5.58 -17.63 -12.69
N ILE A 501 4.25 -17.80 -12.75
CA ILE A 501 3.49 -18.09 -13.97
C ILE A 501 2.34 -17.10 -14.12
N GLU A 502 1.52 -17.04 -13.08
CA GLU A 502 0.29 -16.26 -13.04
C GLU A 502 0.49 -14.85 -12.49
N THR A 503 1.66 -14.56 -11.93
CA THR A 503 1.82 -13.43 -11.02
C THR A 503 1.64 -12.09 -11.73
N LEU A 504 2.29 -11.92 -12.90
CA LEU A 504 2.12 -10.66 -13.60
C LEU A 504 0.70 -10.47 -14.11
N ALA A 505 0.06 -11.54 -14.57
CA ALA A 505 -1.31 -11.42 -15.02
C ALA A 505 -2.21 -10.95 -13.88
N HIS A 506 -2.02 -11.52 -12.70
CA HIS A 506 -2.80 -11.14 -11.52
C HIS A 506 -2.70 -9.64 -11.27
N PHE A 507 -1.46 -9.13 -11.18
CA PHE A 507 -1.29 -7.73 -10.83
C PHE A 507 -1.62 -6.78 -11.99
N ARG A 508 -1.35 -7.18 -13.23
CA ARG A 508 -1.76 -6.38 -14.38
C ARG A 508 -3.28 -6.28 -14.49
N ALA A 509 -4.01 -7.31 -14.05
CA ALA A 509 -5.47 -7.33 -14.07
C ALA A 509 -6.06 -6.51 -12.93
N THR A 510 -5.24 -6.14 -11.94
CA THR A 510 -5.70 -5.29 -10.86
C THR A 510 -5.66 -3.85 -11.34
N PRO A 511 -6.72 -3.06 -11.15
CA PRO A 511 -6.65 -1.65 -11.55
C PRO A 511 -5.49 -0.94 -10.84
N ASN A 512 -4.86 0.00 -11.57
CA ASN A 512 -3.92 0.95 -10.96
C ASN A 512 -2.68 0.28 -10.36
N ILE A 513 -2.11 -0.71 -11.06
CA ILE A 513 -0.78 -1.23 -10.73
C ILE A 513 0.12 -1.14 -11.95
N SER A 514 1.18 -0.35 -11.85
N SER A 514 1.24 -0.42 -11.81
CA SER A 514 2.23 -0.40 -12.87
CA SER A 514 2.28 -0.33 -12.84
C SER A 514 3.11 -1.60 -12.61
C SER A 514 3.23 -1.51 -12.65
N VAL A 515 3.28 -2.43 -13.64
CA VAL A 515 4.04 -3.67 -13.52
C VAL A 515 5.17 -3.58 -14.57
N TRP A 516 6.33 -3.14 -14.10
CA TRP A 516 7.46 -2.95 -14.97
C TRP A 516 8.28 -4.23 -15.04
N ARG A 517 8.67 -4.62 -16.25
CA ARG A 517 9.50 -5.81 -16.45
C ARG A 517 10.62 -5.39 -17.39
N PRO A 518 11.60 -4.64 -16.86
CA PRO A 518 12.58 -4.02 -17.75
C PRO A 518 13.51 -5.04 -18.37
N ALA A 519 13.93 -4.74 -19.60
CA ALA A 519 14.79 -5.66 -20.34
C ALA A 519 16.26 -5.43 -20.11
N ASP A 520 16.68 -4.22 -19.74
CA ASP A 520 18.09 -3.89 -19.73
C ASP A 520 18.32 -2.69 -18.82
N GLY A 521 19.53 -2.15 -18.88
CA GLY A 521 19.89 -1.04 -17.99
C GLY A 521 19.06 0.20 -18.19
N ASN A 522 18.87 0.64 -19.44
CA ASN A 522 18.09 1.86 -19.63
C ASN A 522 16.64 1.66 -19.23
N GLU A 523 16.08 0.47 -19.50
CA GLU A 523 14.70 0.25 -19.10
C GLU A 523 14.56 0.20 -17.58
N THR A 524 15.56 -0.34 -16.88
CA THR A 524 15.51 -0.38 -15.42
C THR A 524 15.52 1.02 -14.84
N SER A 525 16.32 1.92 -15.42
CA SER A 525 16.31 3.30 -14.98
C SER A 525 14.94 3.95 -15.25
N ALA A 526 14.33 3.68 -16.40
CA ALA A 526 12.99 4.21 -16.66
C ALA A 526 11.98 3.70 -15.63
N ALA A 527 12.10 2.42 -15.26
CA ALA A 527 11.15 1.84 -14.30
C ALA A 527 11.26 2.56 -12.96
N TYR A 528 12.49 2.82 -12.50
CA TYR A 528 12.67 3.56 -11.27
C TYR A 528 12.22 5.01 -11.40
N LYS A 529 12.46 5.65 -12.56
CA LYS A 529 11.97 7.01 -12.73
C LYS A 529 10.47 7.05 -12.50
N SER A 530 9.76 6.09 -13.09
CA SER A 530 8.30 6.01 -12.91
C SER A 530 7.94 5.75 -11.47
N ALA A 531 8.62 4.78 -10.83
CA ALA A 531 8.26 4.38 -9.48
C ALA A 531 8.46 5.52 -8.48
N ILE A 532 9.55 6.27 -8.61
CA ILE A 532 9.87 7.34 -7.67
C ILE A 532 9.04 8.58 -7.93
N GLU A 533 8.76 8.89 -9.22
CA GLU A 533 7.91 10.04 -9.54
C GLU A 533 6.45 9.80 -9.22
N SER A 534 6.04 8.54 -9.07
CA SER A 534 4.65 8.23 -8.82
C SER A 534 4.14 8.95 -7.59
N THR A 535 2.88 9.42 -7.70
CA THR A 535 2.17 9.93 -6.54
C THR A 535 0.89 9.17 -6.25
N HIS A 536 0.37 8.39 -7.22
CA HIS A 536 -0.93 7.75 -7.03
C HIS A 536 -0.99 6.31 -7.50
N THR A 537 0.17 5.72 -7.89
CA THR A 537 0.13 4.40 -8.50
C THR A 537 1.24 3.52 -7.95
N PRO A 538 0.91 2.39 -7.32
CA PRO A 538 1.95 1.47 -6.88
C PRO A 538 2.63 0.81 -8.06
N HIS A 539 3.89 0.44 -7.84
CA HIS A 539 4.73 -0.19 -8.85
C HIS A 539 5.22 -1.54 -8.36
N ILE A 540 5.28 -2.49 -9.29
CA ILE A 540 5.97 -3.75 -9.09
C ILE A 540 7.05 -3.83 -10.18
N LEU A 541 8.31 -3.99 -9.79
N LEU A 541 8.31 -4.00 -9.77
CA LEU A 541 9.41 -4.11 -10.74
CA LEU A 541 9.44 -4.11 -10.68
C LEU A 541 9.84 -5.57 -10.74
C LEU A 541 9.83 -5.59 -10.72
N ALA A 542 9.56 -6.25 -11.85
CA ALA A 542 9.88 -7.67 -12.04
C ALA A 542 11.27 -7.76 -12.65
N LEU A 543 12.20 -8.32 -11.88
CA LEU A 543 13.63 -8.25 -12.16
C LEU A 543 14.23 -9.66 -12.24
N THR A 544 15.29 -9.79 -13.01
CA THR A 544 15.87 -11.10 -13.29
C THR A 544 16.96 -11.49 -12.31
N ARG A 545 17.06 -12.81 -12.13
CA ARG A 545 18.27 -13.39 -11.55
C ARG A 545 19.41 -13.33 -12.54
N GLN A 546 19.14 -13.68 -13.79
CA GLN A 546 20.13 -13.93 -14.83
C GLN A 546 20.51 -12.67 -15.62
N ASN A 547 21.72 -12.69 -16.19
CA ASN A 547 22.21 -11.54 -16.95
C ASN A 547 21.47 -11.37 -18.28
N LEU A 548 21.26 -10.11 -18.68
CA LEU A 548 20.65 -9.75 -19.96
C LEU A 548 21.52 -8.72 -20.67
N PRO A 549 21.55 -8.76 -22.00
CA PRO A 549 22.40 -7.79 -22.73
C PRO A 549 21.78 -6.40 -22.75
N GLN A 550 22.64 -5.39 -22.90
CA GLN A 550 22.16 -4.05 -23.19
C GLN A 550 21.64 -3.98 -24.63
N LEU A 551 20.45 -3.44 -24.83
CA LEU A 551 19.80 -3.50 -26.13
C LEU A 551 20.15 -2.31 -27.02
N GLU A 552 20.38 -2.60 -28.29
CA GLU A 552 20.44 -1.56 -29.31
C GLU A 552 19.04 -0.95 -29.47
N GLY A 553 18.90 0.34 -29.23
CA GLY A 553 17.62 1.01 -29.39
C GLY A 553 16.93 1.39 -28.10
N SER A 554 17.41 0.94 -26.93
CA SER A 554 16.75 1.31 -25.69
C SER A 554 17.26 2.66 -25.18
N SER A 555 16.42 3.34 -24.43
CA SER A 555 16.77 4.57 -23.75
C SER A 555 15.79 4.78 -22.63
N ILE A 556 16.17 5.61 -21.66
CA ILE A 556 15.21 6.01 -20.64
C ILE A 556 14.03 6.72 -21.31
N GLU A 557 14.30 7.61 -22.26
CA GLU A 557 13.24 8.38 -22.90
C GLU A 557 12.19 7.45 -23.52
N LYS A 558 12.63 6.48 -24.33
CA LYS A 558 11.62 5.65 -25.00
C LYS A 558 10.95 4.70 -24.02
N ALA A 559 11.72 4.12 -23.09
CA ALA A 559 11.13 3.17 -22.15
C ALA A 559 10.12 3.84 -21.23
N SER A 560 10.28 5.14 -20.99
CA SER A 560 9.35 5.90 -20.16
CA SER A 560 9.34 5.87 -20.14
C SER A 560 7.95 5.97 -20.73
N LYS A 561 7.77 5.62 -22.02
CA LYS A 561 6.47 5.55 -22.63
C LYS A 561 5.76 4.22 -22.33
N GLY A 562 6.42 3.30 -21.62
CA GLY A 562 5.81 2.03 -21.25
C GLY A 562 5.91 0.96 -22.31
N GLY A 563 5.75 1.35 -23.57
CA GLY A 563 5.95 0.48 -24.72
C GLY A 563 6.54 1.31 -25.84
N TYR A 564 7.43 0.73 -26.61
CA TYR A 564 8.10 1.48 -27.68
C TYR A 564 8.62 0.53 -28.72
N THR A 565 8.85 1.08 -29.91
CA THR A 565 9.43 0.33 -31.01
C THR A 565 10.93 0.27 -30.79
N LEU A 566 11.44 -0.94 -30.54
CA LEU A 566 12.86 -1.15 -30.34
C LEU A 566 13.58 -1.30 -31.68
N VAL A 567 13.04 -2.17 -32.53
CA VAL A 567 13.53 -2.39 -33.89
C VAL A 567 12.38 -2.10 -34.83
N GLN A 568 12.52 -1.01 -35.61
CA GLN A 568 11.54 -0.61 -36.60
C GLN A 568 11.86 -1.31 -37.91
N GLN A 569 10.84 -1.90 -38.51
CA GLN A 569 10.98 -2.58 -39.81
C GLN A 569 9.81 -2.10 -40.66
N ASP A 570 10.09 -1.17 -41.59
CA ASP A 570 9.00 -0.65 -42.43
C ASP A 570 8.33 -1.70 -43.31
N LYS A 571 9.00 -2.79 -43.63
CA LYS A 571 8.30 -3.79 -44.43
C LYS A 571 8.05 -5.04 -43.60
N ALA A 572 7.65 -4.87 -42.35
CA ALA A 572 7.57 -6.04 -41.49
C ALA A 572 6.50 -7.01 -41.96
N ASP A 573 6.86 -8.28 -41.93
CA ASP A 573 5.89 -9.37 -42.04
C ASP A 573 5.25 -9.70 -40.70
N ILE A 574 5.91 -9.32 -39.61
CA ILE A 574 5.41 -9.60 -38.26
C ILE A 574 6.11 -8.62 -37.33
N ILE A 575 5.44 -8.27 -36.23
CA ILE A 575 6.04 -7.56 -35.12
C ILE A 575 6.02 -8.52 -33.92
N ILE A 576 7.15 -8.63 -33.23
CA ILE A 576 7.24 -9.38 -31.98
C ILE A 576 7.26 -8.39 -30.83
N VAL A 577 6.27 -8.51 -29.93
CA VAL A 577 6.21 -7.69 -28.73
C VAL A 577 6.63 -8.54 -27.53
N ALA A 578 7.53 -8.02 -26.71
CA ALA A 578 8.09 -8.81 -25.62
C ALA A 578 8.40 -7.89 -24.45
N THR A 579 8.70 -8.53 -23.32
CA THR A 579 9.11 -7.83 -22.11
C THR A 579 10.35 -8.48 -21.53
N GLY A 580 11.07 -7.72 -20.71
CA GLY A 580 12.07 -8.28 -19.84
C GLY A 580 13.09 -9.12 -20.59
N SER A 581 13.35 -10.29 -20.03
CA SER A 581 14.30 -11.23 -20.59
C SER A 581 13.93 -11.70 -22.00
N GLU A 582 12.67 -11.57 -22.40
CA GLU A 582 12.26 -12.04 -23.71
C GLU A 582 12.49 -11.02 -24.83
N VAL A 583 12.87 -9.78 -24.50
CA VAL A 583 13.16 -8.82 -25.59
C VAL A 583 14.42 -9.23 -26.33
N SER A 584 15.48 -9.57 -25.59
CA SER A 584 16.72 -10.05 -26.23
C SER A 584 16.46 -11.31 -27.03
N LEU A 585 15.59 -12.18 -26.52
CA LEU A 585 15.18 -13.38 -27.25
C LEU A 585 14.52 -13.01 -28.57
N ALA A 586 13.61 -12.03 -28.55
CA ALA A 586 12.96 -11.57 -29.77
C ALA A 586 13.95 -11.01 -30.77
N VAL A 587 14.93 -10.23 -30.31
CA VAL A 587 15.95 -9.70 -31.19
C VAL A 587 16.75 -10.83 -31.83
N ASP A 588 17.10 -11.86 -31.06
CA ASP A 588 17.79 -13.00 -31.64
C ASP A 588 16.91 -13.76 -32.63
N ALA A 589 15.61 -13.88 -32.34
CA ALA A 589 14.68 -14.52 -33.27
C ALA A 589 14.55 -13.75 -34.58
N LEU A 590 14.63 -12.42 -34.52
CA LEU A 590 14.57 -11.60 -35.73
C LEU A 590 15.66 -12.03 -36.69
N LYS A 591 16.84 -12.32 -36.16
CA LYS A 591 17.96 -12.73 -37.02
C LYS A 591 17.71 -14.12 -37.62
N VAL A 592 17.17 -15.08 -36.84
CA VAL A 592 16.80 -16.37 -37.41
C VAL A 592 15.77 -16.20 -38.52
N LEU A 593 14.78 -15.35 -38.28
CA LEU A 593 13.71 -15.10 -39.27
C LEU A 593 14.26 -14.52 -40.55
N GLU A 594 15.24 -13.63 -40.46
CA GLU A 594 15.82 -13.05 -41.66
C GLU A 594 16.34 -14.16 -42.57
N GLY A 595 16.94 -15.20 -41.99
CA GLY A 595 17.43 -16.31 -42.81
C GLY A 595 16.32 -17.16 -43.42
N GLN A 596 15.12 -17.10 -42.87
CA GLN A 596 13.93 -17.73 -43.42
C GLN A 596 13.18 -16.82 -44.38
N GLY A 597 13.69 -15.62 -44.65
CA GLY A 597 13.03 -14.69 -45.54
C GLY A 597 11.88 -13.93 -44.93
N ILE A 598 11.84 -13.81 -43.60
CA ILE A 598 10.78 -13.10 -42.89
C ILE A 598 11.39 -11.89 -42.19
N LYS A 599 10.81 -10.72 -42.42
CA LYS A 599 11.28 -9.48 -41.79
C LYS A 599 10.40 -9.18 -40.57
N ALA A 600 11.05 -9.04 -39.41
CA ALA A 600 10.32 -8.75 -38.19
C ALA A 600 10.74 -7.39 -37.62
N GLY A 601 9.79 -6.75 -36.96
CA GLY A 601 10.07 -5.68 -36.03
C GLY A 601 9.98 -6.18 -34.57
N VAL A 602 10.54 -5.40 -33.64
CA VAL A 602 10.45 -5.73 -32.22
C VAL A 602 9.92 -4.53 -31.45
N VAL A 603 8.96 -4.79 -30.57
CA VAL A 603 8.45 -3.85 -29.60
C VAL A 603 8.83 -4.35 -28.21
N SER A 604 9.33 -3.43 -27.37
CA SER A 604 9.52 -3.69 -25.96
C SER A 604 8.41 -3.03 -25.18
N LEU A 605 7.79 -3.78 -24.26
CA LEU A 605 6.62 -3.32 -23.52
C LEU A 605 6.89 -3.40 -22.01
N PRO A 606 7.85 -2.60 -21.50
CA PRO A 606 8.23 -2.73 -20.10
C PRO A 606 7.12 -2.44 -19.10
N ASP A 607 6.13 -1.59 -19.40
CA ASP A 607 4.98 -1.45 -18.49
C ASP A 607 3.72 -1.26 -19.29
N GLN A 608 2.81 -2.22 -19.20
CA GLN A 608 1.53 -2.15 -19.89
C GLN A 608 0.67 -0.98 -19.42
N LEU A 609 0.67 -0.67 -18.12
CA LEU A 609 -0.19 0.41 -17.64
C LEU A 609 0.28 1.76 -18.21
N THR A 610 1.58 2.03 -18.10
CA THR A 610 2.12 3.27 -18.67
C THR A 610 1.82 3.34 -20.17
N PHE A 611 2.03 2.23 -20.88
CA PHE A 611 1.73 2.23 -22.32
C PHE A 611 0.27 2.57 -22.58
N ASP A 612 -0.64 1.94 -21.83
CA ASP A 612 -2.07 2.14 -22.03
C ASP A 612 -2.44 3.62 -21.89
N LYS A 613 -1.74 4.34 -21.01
CA LYS A 613 -2.03 5.76 -20.76
C LYS A 613 -1.50 6.70 -21.83
N GLN A 614 -0.71 6.22 -22.79
CA GLN A 614 -0.23 7.07 -23.88
C GLN A 614 -1.37 7.37 -24.85
N SER A 615 -1.14 8.33 -25.73
CA SER A 615 -2.15 8.69 -26.71
C SER A 615 -2.44 7.53 -27.65
N GLU A 616 -3.66 7.53 -28.22
CA GLU A 616 -4.03 6.50 -29.17
C GLU A 616 -3.07 6.50 -30.36
N GLU A 617 -2.71 7.69 -30.84
CA GLU A 617 -1.79 7.76 -31.97
C GLU A 617 -0.42 7.18 -31.62
N TYR A 618 0.11 7.49 -30.42
CA TYR A 618 1.39 6.91 -30.04
C TYR A 618 1.27 5.39 -30.00
N LYS A 619 0.23 4.88 -29.36
CA LYS A 619 0.08 3.43 -29.23
C LYS A 619 0.00 2.75 -30.58
N LEU A 620 -0.75 3.33 -31.53
CA LEU A 620 -0.84 2.78 -32.87
C LEU A 620 0.47 2.86 -33.63
N SER A 621 1.35 3.83 -33.30
CA SER A 621 2.66 3.87 -33.94
C SER A 621 3.52 2.68 -33.51
N VAL A 622 3.25 2.14 -32.34
CA VAL A 622 3.96 0.98 -31.79
C VAL A 622 3.34 -0.33 -32.26
N LEU A 623 2.00 -0.38 -32.28
CA LEU A 623 1.24 -1.58 -32.65
C LEU A 623 0.30 -1.20 -33.80
N PRO A 624 0.84 -1.06 -35.01
CA PRO A 624 0.02 -0.56 -36.13
C PRO A 624 -0.94 -1.61 -36.67
N ASP A 625 -1.90 -1.14 -37.47
CA ASP A 625 -2.72 -2.00 -38.31
C ASP A 625 -1.87 -2.66 -39.41
N GLY A 626 -2.39 -3.76 -39.98
CA GLY A 626 -1.86 -4.31 -41.20
C GLY A 626 -0.70 -5.25 -41.04
N VAL A 627 -0.41 -5.71 -39.83
CA VAL A 627 0.72 -6.61 -39.63
C VAL A 627 0.40 -7.53 -38.45
N PRO A 628 0.62 -8.83 -38.58
CA PRO A 628 0.44 -9.71 -37.41
C PRO A 628 1.43 -9.38 -36.31
N ILE A 629 0.95 -9.53 -35.07
CA ILE A 629 1.77 -9.26 -33.89
C ILE A 629 1.76 -10.50 -32.98
N LEU A 630 2.94 -10.94 -32.60
CA LEU A 630 3.17 -12.09 -31.72
C LEU A 630 3.77 -11.59 -30.41
N SER A 631 3.17 -11.93 -29.28
CA SER A 631 3.79 -11.64 -27.97
C SER A 631 4.66 -12.80 -27.52
N VAL A 632 5.72 -12.45 -26.77
CA VAL A 632 6.61 -13.43 -26.17
C VAL A 632 6.95 -12.98 -24.76
N GLU A 633 6.58 -13.81 -23.77
CA GLU A 633 6.86 -13.55 -22.35
C GLU A 633 6.73 -14.91 -21.66
N VAL A 634 7.71 -15.31 -20.86
CA VAL A 634 7.78 -16.68 -20.33
CA VAL A 634 7.80 -16.68 -20.31
C VAL A 634 6.91 -16.88 -19.08
N MET A 635 5.65 -16.46 -19.20
CA MET A 635 4.67 -16.58 -18.13
C MET A 635 3.29 -16.59 -18.80
N SER A 636 2.23 -16.46 -18.00
CA SER A 636 0.88 -16.58 -18.53
C SER A 636 0.67 -15.69 -19.76
N THR A 637 -0.13 -16.20 -20.69
CA THR A 637 -0.56 -15.40 -21.82
C THR A 637 -1.75 -14.49 -21.50
N PHE A 638 -2.33 -14.54 -20.30
CA PHE A 638 -3.47 -13.66 -20.00
C PHE A 638 -3.05 -12.19 -20.14
N GLY A 639 -3.97 -11.41 -20.71
CA GLY A 639 -3.76 -9.99 -20.93
C GLY A 639 -3.13 -9.65 -22.28
N TRP A 640 -2.36 -10.59 -22.83
CA TRP A 640 -1.50 -10.26 -23.95
C TRP A 640 -2.27 -10.01 -25.23
N SER A 641 -3.50 -10.51 -25.35
CA SER A 641 -4.33 -10.21 -26.50
C SER A 641 -4.68 -8.74 -26.61
N LYS A 642 -4.47 -7.92 -25.58
CA LYS A 642 -4.61 -6.47 -25.74
C LYS A 642 -3.64 -5.92 -26.78
N TYR A 643 -2.50 -6.61 -26.96
CA TYR A 643 -1.35 -6.07 -27.68
C TYR A 643 -0.91 -6.94 -28.84
N SER A 644 -1.50 -8.12 -29.00
CA SER A 644 -0.99 -9.10 -29.96
C SER A 644 -2.15 -9.91 -30.51
N HIS A 645 -1.90 -10.51 -31.68
CA HIS A 645 -2.84 -11.44 -32.29
C HIS A 645 -2.62 -12.88 -31.83
N GLN A 646 -1.36 -13.27 -31.64
CA GLN A 646 -0.97 -14.59 -31.17
C GLN A 646 -0.04 -14.40 -29.99
N GLN A 647 -0.03 -15.37 -29.06
CA GLN A 647 0.73 -15.25 -27.82
C GLN A 647 1.55 -16.51 -27.61
N PHE A 648 2.85 -16.34 -27.41
CA PHE A 648 3.74 -17.41 -26.98
C PHE A 648 4.11 -17.13 -25.53
N GLY A 649 3.56 -17.94 -24.64
CA GLY A 649 3.80 -17.81 -23.23
C GLY A 649 3.95 -19.18 -22.59
N LEU A 650 3.95 -19.18 -21.26
CA LEU A 650 4.13 -20.38 -20.45
C LEU A 650 2.92 -20.45 -19.52
N ASN A 651 2.04 -21.42 -19.77
CA ASN A 651 0.78 -21.57 -19.06
C ASN A 651 0.73 -22.86 -18.24
N ARG A 652 1.89 -23.38 -17.87
CA ARG A 652 2.08 -24.54 -17.02
C ARG A 652 3.15 -24.16 -16.00
N PHE A 653 3.23 -24.94 -14.91
CA PHE A 653 4.26 -24.71 -13.93
C PHE A 653 5.65 -25.01 -14.50
N GLY A 654 6.67 -24.51 -13.80
CA GLY A 654 8.04 -24.64 -14.26
C GLY A 654 8.71 -25.95 -13.91
N ALA A 655 10.01 -25.88 -13.62
CA ALA A 655 10.82 -27.08 -13.47
C ALA A 655 12.06 -26.71 -12.68
N SER A 656 12.67 -27.69 -12.04
CA SER A 656 13.90 -27.49 -11.28
C SER A 656 15.09 -27.96 -12.10
N GLY A 657 15.90 -27.02 -12.57
CA GLY A 657 17.08 -27.31 -13.36
C GLY A 657 17.80 -26.01 -13.67
N LYS A 658 18.94 -26.14 -14.35
CA LYS A 658 19.67 -24.96 -14.80
C LYS A 658 18.79 -24.16 -15.77
N ALA A 659 18.73 -22.86 -15.57
CA ALA A 659 17.77 -22.06 -16.33
C ALA A 659 17.88 -22.22 -17.83
N PRO A 660 19.06 -22.21 -18.45
CA PRO A 660 19.08 -22.35 -19.93
C PRO A 660 18.42 -23.62 -20.40
N GLU A 661 18.51 -24.71 -19.62
CA GLU A 661 17.90 -25.97 -19.99
C GLU A 661 16.39 -25.88 -19.90
N ILE A 662 15.87 -25.11 -18.96
CA ILE A 662 14.42 -24.94 -18.84
C ILE A 662 13.90 -24.14 -20.04
N PHE A 663 14.60 -23.05 -20.41
CA PHE A 663 14.19 -22.30 -21.60
C PHE A 663 14.19 -23.18 -22.83
N LYS A 664 15.21 -24.03 -22.98
CA LYS A 664 15.24 -24.94 -24.12
C LYS A 664 14.07 -25.92 -24.07
N LEU A 665 13.79 -26.48 -22.88
CA LEU A 665 12.68 -27.43 -22.77
C LEU A 665 11.37 -26.85 -23.28
N PHE A 666 11.11 -25.59 -22.95
CA PHE A 666 9.86 -24.96 -23.29
C PHE A 666 9.92 -24.21 -24.63
N GLU A 667 11.04 -24.32 -25.34
CA GLU A 667 11.23 -23.76 -26.68
C GLU A 667 11.26 -22.25 -26.70
N PHE A 668 11.62 -21.63 -25.56
CA PHE A 668 11.89 -20.18 -25.50
C PHE A 668 13.34 -19.98 -25.92
N THR A 669 13.57 -20.18 -27.22
CA THR A 669 14.85 -20.11 -27.89
C THR A 669 14.65 -19.29 -29.15
N PRO A 670 15.73 -18.78 -29.76
CA PRO A 670 15.53 -18.01 -31.00
C PRO A 670 14.81 -18.83 -32.07
N GLU A 671 15.14 -20.11 -32.17
CA GLU A 671 14.50 -20.98 -33.17
C GLU A 671 13.03 -21.24 -32.81
N GLY A 672 12.73 -21.43 -31.51
CA GLY A 672 11.35 -21.69 -31.12
C GLY A 672 10.46 -20.48 -31.34
N VAL A 673 10.98 -19.28 -31.05
CA VAL A 673 10.23 -18.06 -31.33
C VAL A 673 10.07 -17.87 -32.83
N ALA A 674 11.15 -18.09 -33.59
CA ALA A 674 11.05 -17.94 -35.03
C ALA A 674 10.02 -18.90 -35.62
N GLU A 675 9.98 -20.14 -35.14
CA GLU A 675 9.01 -21.10 -35.67
C GLU A 675 7.59 -20.59 -35.48
N ARG A 676 7.30 -20.07 -34.29
CA ARG A 676 5.97 -19.58 -34.00
C ARG A 676 5.67 -18.29 -34.75
N ALA A 677 6.68 -17.45 -34.95
CA ALA A 677 6.49 -16.27 -35.79
C ALA A 677 6.16 -16.66 -37.23
N ALA A 678 6.89 -17.64 -37.79
CA ALA A 678 6.60 -18.07 -39.16
C ALA A 678 5.21 -18.66 -39.27
N LYS A 679 4.78 -19.44 -38.26
CA LYS A 679 3.42 -19.98 -38.26
C LYS A 679 2.39 -18.86 -38.18
N THR A 680 2.70 -17.79 -37.43
CA THR A 680 1.80 -16.65 -37.33
C THR A 680 1.67 -15.94 -38.67
N VAL A 681 2.79 -15.71 -39.36
CA VAL A 681 2.73 -15.10 -40.69
C VAL A 681 1.84 -15.96 -41.62
N ALA A 682 2.05 -17.28 -41.59
CA ALA A 682 1.28 -18.17 -42.47
C ALA A 682 -0.20 -18.14 -42.12
N PHE A 683 -0.53 -18.09 -40.82
CA PHE A 683 -1.92 -18.11 -40.37
C PHE A 683 -2.70 -16.91 -40.87
N TYR A 684 -2.03 -15.76 -41.04
CA TYR A 684 -2.68 -14.55 -41.51
C TYR A 684 -2.55 -14.31 -43.00
N LYS A 685 -1.92 -15.22 -43.76
CA LYS A 685 -1.91 -15.09 -45.22
C LYS A 685 -3.34 -15.03 -45.76
N GLY A 686 -3.61 -14.01 -46.57
CA GLY A 686 -4.93 -13.86 -47.13
C GLY A 686 -5.94 -13.20 -46.22
N LYS A 687 -5.56 -12.82 -45.00
CA LYS A 687 -6.47 -12.18 -44.07
C LYS A 687 -6.15 -10.69 -43.95
N ASP A 688 -7.17 -9.91 -43.57
CA ASP A 688 -6.99 -8.50 -43.27
C ASP A 688 -6.78 -8.37 -41.77
N VAL A 689 -5.68 -7.74 -41.37
CA VAL A 689 -5.24 -7.70 -39.98
C VAL A 689 -5.32 -6.25 -39.49
N VAL A 690 -6.00 -6.02 -38.36
CA VAL A 690 -6.00 -4.68 -37.76
C VAL A 690 -5.34 -4.76 -36.39
N SER A 691 -4.90 -3.61 -35.90
CA SER A 691 -4.16 -3.61 -34.65
C SER A 691 -4.98 -4.27 -33.55
N PRO A 692 -4.32 -4.99 -32.63
CA PRO A 692 -5.00 -5.45 -31.41
C PRO A 692 -5.58 -4.32 -30.58
N LEU A 693 -5.09 -3.09 -30.78
CA LEU A 693 -5.61 -1.95 -30.04
C LEU A 693 -7.01 -1.54 -30.48
N ARG A 694 -7.47 -1.97 -31.66
CA ARG A 694 -8.80 -1.62 -32.11
C ARG A 694 -9.84 -2.42 -31.33
N SER A 695 -11.03 -1.84 -31.21
N SER A 695 -11.03 -1.86 -31.17
CA SER A 695 -12.10 -2.39 -30.38
CA SER A 695 -12.10 -2.61 -30.54
C SER A 695 -13.45 -2.00 -30.97
C SER A 695 -13.42 -2.05 -30.97
N ALA A 696 -14.47 -2.82 -30.71
CA ALA A 696 -15.81 -2.47 -31.16
C ALA A 696 -16.46 -1.42 -30.28
N PHE A 697 -16.02 -1.29 -29.04
CA PHE A 697 -16.62 -0.40 -28.06
C PHE A 697 -15.61 -0.15 -26.97
CA CA B . -14.98 -9.14 18.11
C1 PEG C . 14.00 11.84 18.62
O1 PEG C . 12.69 11.31 18.62
C2 PEG C . 14.38 12.25 17.21
O2 PEG C . 15.67 12.81 17.27
C3 PEG C . 15.65 13.97 18.04
C4 PEG C . 16.95 14.72 18.17
O4 PEG C . 16.83 15.74 19.16
C1 PEG D . 3.70 25.82 7.08
O1 PEG D . 3.33 27.13 6.73
C2 PEG D . 3.94 25.02 5.81
O2 PEG D . 3.94 23.65 6.05
C3 PEG D . 4.09 22.87 4.88
C4 PEG D . 3.15 23.34 3.80
O4 PEG D . 2.92 22.34 2.86
C1 PEG E . 21.12 -18.29 -16.53
O1 PEG E . 22.30 -19.03 -16.51
C2 PEG E . 20.29 -18.71 -17.76
O2 PEG E . 19.20 -17.89 -18.06
C3 PEG E . 18.37 -18.29 -19.13
C4 PEG E . 19.20 -18.45 -20.41
O4 PEG E . 18.44 -18.82 -21.54
C4' 8EF F . -12.91 -9.29 6.07
C5' 8EF F . -13.63 -10.52 6.26
C6' 8EF F . -12.90 -11.66 6.11
N1' 8EF F . -11.58 -11.64 5.82
N3' 8EF F . -11.57 -9.28 5.81
O2B 8EF F . -16.23 -7.35 17.06
PB 8EF F . -16.71 -7.46 15.70
O1B 8EF F . -17.56 -8.75 15.67
O3B 8EF F . -17.53 -6.43 15.08
O3A 8EF F . -15.52 -7.77 14.70
PA 8EF F . -14.33 -8.85 14.72
O2A 8EF F . -13.09 -8.27 14.17
O1A 8EF F . -14.24 -9.49 16.05
O7 8EF F . -14.91 -9.97 13.73
C7 8EF F . -14.77 -9.61 12.34
C6 8EF F . -15.78 -10.41 11.55
C5 8EF F . -15.53 -9.97 10.17
C4 8EF F . -15.34 -10.79 9.04
CM4 8EF F . -14.91 -12.12 9.09
S1 8EF F . -16.15 -8.37 9.67
C2 8EF F . -16.24 -8.87 8.01
N3 8EF F . -15.45 -10.03 7.85
C7' 8EF F . -15.08 -10.60 6.54
C2' 8EF F . -10.95 -10.44 5.64
CM2 8EF F . -9.52 -10.47 5.29
N4' 8EF F . -13.51 -8.10 6.17
#